data_1YUH
#
_entry.id   1YUH
#
_cell.length_a   81.200
_cell.length_b   86.900
_cell.length_c   131.100
_cell.angle_alpha   90.00
_cell.angle_beta   90.00
_cell.angle_gamma   90.00
#
_symmetry.space_group_name_H-M   'P 21 21 21'
#
loop_
_entity.id
_entity.type
_entity.pdbx_description
1 polymer '88C6/12 FAB (LIGHT CHAIN)'
2 polymer '88C6/12 FAB (HEAVY CHAIN)'
3 non-polymer '4-HYDROXY-3-NITROPHENYLACETYL-EPSILON-AMINOCAPROIC ACID'
4 water water
#
loop_
_entity_poly.entity_id
_entity_poly.type
_entity_poly.pdbx_seq_one_letter_code
_entity_poly.pdbx_strand_id
1 'polypeptide(L)'
;AVVTQESALTTSPGETVTLTCRSSTGAVTTSNYANWVQEKPDRLFTGLIGGTNNRGPGVPARFSGSLIGDKAALTITGAQ
TEDEAIYFCALWYSNHWVFGGGTKLTVLGQPKSSPSVTLFPPSSEELETNKATLVCTITDFYPGVVTVDWKVDGTPVTEG
METTQPSKQSNNKYMASSYLTLSARAWERHASYSCQVTHEGHTVEKSLSRA
;
L,A
2 'polypeptide(L)'
;QVQFQQSGAELVKPGASVKLSCKASGYTFTSYLMHWIKQRPGRGLEWIGRIDPNNVVTKFNEKFKSKATLTVDKPSSTAY
MELSSLTSEDSAVYYCARYAYCRPMDYWGQGTTVTVSSAATTPPSVYPLAPGSAAQTNSMVTLGCLVKGYFPEPVTVTWN
SGALSSGVHTFPAVLQSDLYTLSSSVTVPASTWPSGTVTCNVAHPASSTAVDKKIVPR
;
H,B
#
loop_
_chem_comp.id
_chem_comp.type
_chem_comp.name
_chem_comp.formula
NP non-polymer '4-HYDROXY-3-NITROPHENYLACETYL-EPSILON-AMINOCAPROIC ACID' 'C14 H18 N2 O6'
#
# COMPACT_ATOMS: atom_id res chain seq x y z
N ALA A 1 4.27 -10.45 -0.92
CA ALA A 1 3.96 -11.61 -0.06
C ALA A 1 3.86 -11.40 1.48
N VAL A 2 2.70 -11.77 1.98
CA VAL A 2 2.46 -11.83 3.41
C VAL A 2 2.11 -13.30 3.53
N VAL A 3 2.84 -14.15 4.20
CA VAL A 3 2.41 -15.54 4.39
C VAL A 3 1.80 -15.56 5.78
N THR A 4 0.48 -15.56 5.73
CA THR A 4 -0.28 -15.35 6.97
C THR A 4 -1.10 -16.47 7.62
N GLN A 5 -0.32 -16.80 8.63
CA GLN A 5 -0.63 -17.74 9.68
C GLN A 5 -1.73 -17.21 10.56
N GLU A 6 -1.87 -17.78 11.75
CA GLU A 6 -2.71 -17.29 12.82
C GLU A 6 -1.75 -16.52 13.75
N SER A 7 -2.14 -15.74 14.75
CA SER A 7 -1.19 -15.12 15.70
C SER A 7 -0.89 -15.89 16.99
N ALA A 8 -1.90 -16.55 17.58
CA ALA A 8 -1.78 -17.32 18.83
C ALA A 8 -2.90 -18.29 19.12
N LEU A 9 -2.68 -19.47 19.72
CA LEU A 9 -3.84 -20.27 20.19
C LEU A 9 -3.70 -21.34 21.30
N THR A 10 -4.85 -21.85 21.76
CA THR A 10 -4.93 -22.83 22.86
C THR A 10 -5.70 -24.11 22.50
N THR A 11 -5.22 -25.24 23.00
CA THR A 11 -5.97 -26.49 22.96
C THR A 11 -5.56 -27.33 24.17
N SER A 12 -6.49 -28.00 24.87
CA SER A 12 -6.16 -28.75 26.09
C SER A 12 -5.60 -30.18 25.99
N PRO A 13 -4.49 -30.50 26.63
CA PRO A 13 -3.64 -31.63 26.28
C PRO A 13 -4.39 -32.95 26.28
N GLY A 14 -4.49 -33.35 25.00
CA GLY A 14 -5.27 -34.50 24.54
C GLY A 14 -6.08 -34.31 23.25
N GLU A 15 -6.70 -33.14 23.18
CA GLU A 15 -7.52 -32.73 22.05
C GLU A 15 -6.77 -32.38 20.75
N THR A 16 -7.32 -32.60 19.57
CA THR A 16 -6.61 -32.27 18.32
C THR A 16 -6.49 -30.78 17.99
N VAL A 17 -5.51 -30.33 17.21
CA VAL A 17 -5.52 -28.97 16.72
C VAL A 17 -4.95 -28.77 15.31
N THR A 18 -5.59 -27.94 14.49
CA THR A 18 -5.20 -27.66 13.09
C THR A 18 -4.64 -26.27 12.86
N LEU A 19 -3.35 -26.08 12.70
CA LEU A 19 -2.80 -24.78 12.38
C LEU A 19 -2.83 -24.40 10.93
N THR A 20 -3.28 -23.25 10.56
CA THR A 20 -3.41 -22.87 9.16
C THR A 20 -2.31 -21.91 8.69
N CYS A 21 -2.12 -21.80 7.38
CA CYS A 21 -1.14 -20.88 6.80
C CYS A 21 -1.61 -20.40 5.42
N ARG A 22 -2.27 -19.25 5.40
CA ARG A 22 -2.76 -18.65 4.17
C ARG A 22 -1.75 -17.65 3.63
N SER A 23 -1.80 -17.29 2.37
CA SER A 23 -0.88 -16.31 1.79
C SER A 23 -1.56 -15.14 1.07
N SER A 24 -0.92 -13.99 1.03
CA SER A 24 -1.47 -12.81 0.38
C SER A 24 -1.96 -12.92 -1.08
N THR A 25 -1.05 -13.51 -1.86
CA THR A 25 -1.21 -13.68 -3.30
C THR A 25 -2.01 -14.88 -3.76
N GLY A 26 -3.26 -14.99 -3.31
CA GLY A 26 -4.12 -16.07 -3.79
C GLY A 26 -4.35 -17.37 -3.01
N ALA A 27 -3.62 -18.49 -3.22
CA ALA A 27 -3.93 -19.79 -2.63
C ALA A 27 -2.83 -20.88 -2.63
N VAL A 28 -2.45 -21.50 -1.51
CA VAL A 28 -1.33 -22.44 -1.42
C VAL A 28 -1.38 -23.77 -2.22
N THR A 29 -1.12 -23.63 -3.49
CA THR A 29 -0.98 -24.80 -4.37
C THR A 29 0.28 -25.57 -3.99
N THR A 30 0.40 -26.84 -4.35
CA THR A 30 1.54 -27.68 -3.97
C THR A 30 2.93 -27.07 -4.32
N SER A 31 2.91 -26.23 -5.38
CA SER A 31 4.06 -25.47 -5.93
C SER A 31 4.89 -24.72 -4.88
N ASN A 32 4.19 -24.29 -3.87
CA ASN A 32 4.75 -23.63 -2.71
C ASN A 32 5.85 -24.35 -1.94
N TYR A 33 5.71 -25.66 -1.92
CA TYR A 33 6.57 -26.59 -1.19
C TYR A 33 6.55 -26.46 0.36
N ALA A 34 5.40 -25.94 0.85
CA ALA A 34 5.14 -25.59 2.25
C ALA A 34 5.91 -26.15 3.45
N ASN A 35 6.42 -25.21 4.21
CA ASN A 35 7.17 -25.60 5.39
C ASN A 35 6.77 -25.19 6.79
N TRP A 36 6.99 -26.12 7.72
CA TRP A 36 6.64 -25.87 9.08
C TRP A 36 7.79 -26.02 10.04
N VAL A 37 8.37 -24.98 10.64
CA VAL A 37 9.49 -25.15 11.55
C VAL A 37 9.31 -24.58 12.98
N GLN A 38 9.45 -25.37 14.06
CA GLN A 38 9.08 -24.90 15.39
C GLN A 38 10.14 -24.46 16.33
N GLU A 39 9.95 -23.41 17.14
CA GLU A 39 10.93 -23.18 18.17
C GLU A 39 10.42 -23.58 19.56
N LYS A 40 11.26 -23.74 20.58
CA LYS A 40 10.84 -24.20 21.90
C LYS A 40 11.70 -23.63 23.09
N PRO A 41 11.79 -24.25 24.32
CA PRO A 41 12.80 -23.99 25.36
C PRO A 41 14.18 -23.51 25.00
N ASP A 42 14.36 -22.22 25.15
CA ASP A 42 15.59 -21.54 24.84
C ASP A 42 16.29 -21.72 23.45
N ARG A 43 15.65 -20.99 22.51
CA ARG A 43 16.09 -20.74 21.14
C ARG A 43 16.40 -21.85 20.15
N LEU A 44 16.35 -23.13 20.53
CA LEU A 44 16.43 -24.20 19.55
C LEU A 44 15.22 -24.30 18.58
N PHE A 45 15.41 -24.15 17.27
CA PHE A 45 14.33 -24.37 16.29
C PHE A 45 14.18 -25.78 15.61
N THR A 46 13.31 -26.74 15.92
CA THR A 46 13.21 -27.97 15.08
C THR A 46 12.14 -28.01 13.92
N GLY A 47 12.60 -28.37 12.73
CA GLY A 47 11.82 -28.44 11.48
C GLY A 47 10.93 -29.67 11.35
N LEU A 48 9.76 -29.36 10.84
CA LEU A 48 8.61 -30.21 11.01
C LEU A 48 7.95 -30.82 9.80
N ILE A 49 7.43 -30.01 8.92
CA ILE A 49 6.84 -30.61 7.74
C ILE A 49 7.27 -29.82 6.52
N GLY A 50 7.94 -30.62 5.68
CA GLY A 50 8.46 -30.13 4.43
C GLY A 50 7.62 -30.58 3.28
N GLY A 51 7.46 -29.67 2.31
CA GLY A 51 6.76 -29.90 1.05
C GLY A 51 5.29 -30.27 1.20
N THR A 52 4.60 -29.47 2.04
CA THR A 52 3.22 -29.61 2.55
C THR A 52 2.95 -30.81 3.42
N ASN A 53 3.57 -31.96 3.13
CA ASN A 53 3.35 -33.20 3.87
C ASN A 53 4.49 -34.10 4.42
N ASN A 54 5.78 -33.89 4.14
CA ASN A 54 6.86 -34.77 4.60
C ASN A 54 7.50 -34.52 5.98
N ARG A 55 7.24 -35.43 6.92
CA ARG A 55 7.77 -35.31 8.28
C ARG A 55 9.28 -35.39 8.53
N GLY A 56 9.82 -34.37 9.21
CA GLY A 56 11.24 -34.37 9.59
C GLY A 56 11.69 -35.61 10.39
N PRO A 57 12.96 -36.05 10.28
CA PRO A 57 13.45 -37.32 10.83
C PRO A 57 13.41 -37.41 12.36
N GLY A 58 12.26 -37.75 12.94
CA GLY A 58 12.11 -37.77 14.39
C GLY A 58 10.97 -36.85 14.88
N VAL A 59 10.41 -36.01 13.97
CA VAL A 59 9.18 -35.25 14.25
C VAL A 59 8.12 -36.36 14.47
N PRO A 60 7.44 -36.47 15.62
CA PRO A 60 6.57 -37.60 15.89
C PRO A 60 5.34 -37.67 15.01
N ALA A 61 4.88 -38.85 14.62
CA ALA A 61 3.72 -38.95 13.76
C ALA A 61 2.36 -38.59 14.40
N ARG A 62 2.14 -37.34 14.71
CA ARG A 62 0.84 -36.84 15.16
C ARG A 62 0.62 -35.70 14.18
N PHE A 63 1.70 -34.88 14.16
CA PHE A 63 1.87 -33.79 13.23
C PHE A 63 1.60 -34.29 11.82
N SER A 64 0.66 -33.61 11.24
CA SER A 64 0.10 -33.94 9.96
C SER A 64 0.41 -32.89 8.88
N GLY A 65 0.90 -33.38 7.74
CA GLY A 65 1.11 -32.53 6.56
C GLY A 65 -0.17 -32.33 5.72
N SER A 66 -0.90 -31.25 5.89
CA SER A 66 -2.17 -31.11 5.22
C SER A 66 -2.50 -29.78 4.52
N LEU A 67 -2.25 -29.64 3.22
CA LEU A 67 -2.65 -28.46 2.43
C LEU A 67 -4.19 -28.43 2.31
N ILE A 68 -4.87 -27.74 3.24
CA ILE A 68 -6.33 -27.67 3.25
C ILE A 68 -6.93 -26.58 2.38
N GLY A 69 -7.34 -27.09 1.22
CA GLY A 69 -8.04 -26.33 0.19
C GLY A 69 -7.13 -25.28 -0.39
N ASP A 70 -7.56 -24.05 -0.12
CA ASP A 70 -6.82 -22.84 -0.40
C ASP A 70 -5.55 -22.75 0.44
N LYS A 71 -5.66 -23.04 1.71
CA LYS A 71 -4.53 -22.75 2.54
C LYS A 71 -3.70 -23.95 2.94
N ALA A 72 -2.43 -23.73 3.28
CA ALA A 72 -1.66 -24.86 3.77
C ALA A 72 -2.03 -25.09 5.25
N ALA A 73 -2.12 -26.32 5.76
CA ALA A 73 -2.49 -26.52 7.16
C ALA A 73 -1.73 -27.57 7.95
N LEU A 74 -1.11 -27.24 9.08
CA LEU A 74 -0.51 -28.26 9.92
C LEU A 74 -1.58 -28.73 10.90
N THR A 75 -1.65 -29.99 11.29
CA THR A 75 -2.51 -30.42 12.37
C THR A 75 -1.59 -31.15 13.33
N ILE A 76 -1.82 -31.01 14.63
CA ILE A 76 -1.17 -31.77 15.68
C ILE A 76 -2.31 -32.60 16.29
N THR A 77 -2.34 -33.87 15.87
CA THR A 77 -3.29 -34.85 16.40
C THR A 77 -2.92 -35.09 17.88
N GLY A 78 -3.82 -35.53 18.75
CA GLY A 78 -3.55 -35.83 20.18
C GLY A 78 -2.59 -34.93 20.96
N ALA A 79 -2.82 -33.64 20.78
CA ALA A 79 -1.94 -32.59 21.29
C ALA A 79 -1.40 -32.73 22.69
N GLN A 80 -0.09 -32.66 22.83
CA GLN A 80 0.52 -32.88 24.15
C GLN A 80 1.31 -31.73 24.76
N THR A 81 1.36 -31.65 26.09
CA THR A 81 2.24 -30.72 26.83
C THR A 81 3.68 -30.60 26.31
N GLU A 82 4.17 -31.56 25.52
CA GLU A 82 5.48 -31.41 24.90
C GLU A 82 5.44 -30.75 23.51
N ASP A 83 4.30 -30.12 23.23
CA ASP A 83 4.08 -29.37 21.99
C ASP A 83 3.73 -27.86 22.15
N GLU A 84 3.98 -27.34 23.36
CA GLU A 84 3.76 -25.93 23.63
C GLU A 84 4.95 -25.16 23.14
N ALA A 85 4.68 -24.50 22.02
CA ALA A 85 5.74 -23.85 21.28
C ALA A 85 5.28 -22.84 20.26
N ILE A 86 6.22 -22.14 19.65
CA ILE A 86 5.89 -21.26 18.54
C ILE A 86 6.14 -21.96 17.19
N TYR A 87 5.13 -22.11 16.32
CA TYR A 87 5.32 -22.77 15.03
C TYR A 87 5.43 -21.81 13.84
N PHE A 88 6.45 -21.94 12.99
CA PHE A 88 6.60 -21.06 11.83
C PHE A 88 6.22 -21.77 10.58
N CYS A 89 5.39 -21.14 9.76
CA CYS A 89 5.08 -21.66 8.45
C CYS A 89 5.87 -20.85 7.43
N ALA A 90 6.31 -21.49 6.37
CA ALA A 90 7.18 -20.87 5.38
C ALA A 90 6.77 -21.14 3.93
N LEU A 91 6.43 -20.14 3.10
CA LEU A 91 6.11 -20.45 1.73
C LEU A 91 7.00 -19.98 0.57
N TRP A 92 7.43 -20.93 -0.25
CA TRP A 92 8.38 -20.65 -1.31
C TRP A 92 7.82 -19.95 -2.57
N TYR A 93 7.97 -18.62 -2.56
CA TYR A 93 7.55 -17.68 -3.62
C TYR A 93 8.51 -17.82 -4.83
N SER A 94 8.39 -18.98 -5.49
CA SER A 94 9.20 -19.44 -6.61
C SER A 94 10.71 -19.50 -6.47
N ASN A 95 11.41 -18.38 -6.33
CA ASN A 95 12.84 -18.35 -6.18
C ASN A 95 13.30 -17.63 -4.91
N HIS A 96 12.50 -17.78 -3.85
CA HIS A 96 12.78 -17.33 -2.46
C HIS A 96 11.66 -17.51 -1.43
N TRP A 97 12.08 -17.95 -0.26
CA TRP A 97 11.20 -18.22 0.87
C TRP A 97 10.71 -16.99 1.58
N VAL A 98 9.54 -17.13 2.19
CA VAL A 98 8.96 -16.13 3.10
C VAL A 98 8.14 -16.70 4.27
N PHE A 99 8.68 -16.31 5.43
CA PHE A 99 8.21 -16.69 6.76
C PHE A 99 6.99 -16.03 7.39
N GLY A 100 6.06 -16.84 7.89
CA GLY A 100 4.96 -16.33 8.67
C GLY A 100 5.42 -15.90 10.07
N GLY A 101 4.62 -15.20 10.87
CA GLY A 101 5.09 -14.73 12.21
C GLY A 101 5.15 -15.74 13.36
N GLY A 102 4.61 -16.85 12.94
CA GLY A 102 4.39 -17.94 13.83
C GLY A 102 3.06 -17.75 14.53
N THR A 103 2.81 -18.82 15.25
CA THR A 103 1.76 -18.89 16.26
C THR A 103 2.50 -19.41 17.47
N LYS A 104 2.10 -18.92 18.61
CA LYS A 104 2.48 -19.53 19.86
C LYS A 104 1.35 -20.50 20.22
N LEU A 105 1.68 -21.67 20.75
CA LEU A 105 0.65 -22.57 21.22
C LEU A 105 0.57 -22.79 22.75
N THR A 106 -0.62 -22.98 23.28
CA THR A 106 -0.79 -23.37 24.68
C THR A 106 -1.61 -24.64 24.79
N VAL A 107 -0.89 -25.58 25.39
CA VAL A 107 -1.47 -26.86 25.80
C VAL A 107 -2.03 -26.80 27.25
N LEU A 108 -3.21 -26.12 27.39
CA LEU A 108 -3.90 -25.73 28.64
C LEU A 108 -3.52 -26.46 29.91
N GLY A 109 -1.50 -27.64 31.58
CA GLY A 109 -1.11 -27.30 32.94
C GLY A 109 -2.00 -26.36 33.80
N GLN A 110 -1.55 -25.17 34.13
CA GLN A 110 -2.31 -24.36 35.09
C GLN A 110 -3.30 -23.38 34.46
N PRO A 111 -4.59 -23.49 34.70
CA PRO A 111 -5.59 -22.47 34.43
C PRO A 111 -5.30 -21.01 34.02
N LYS A 112 -6.31 -20.53 33.34
CA LYS A 112 -6.21 -19.23 32.74
C LYS A 112 -6.69 -18.02 33.55
N SER A 113 -5.84 -17.70 34.51
CA SER A 113 -6.06 -16.51 35.33
C SER A 113 -5.51 -15.20 34.68
N SER A 114 -5.71 -13.94 35.12
CA SER A 114 -5.34 -12.78 34.28
C SER A 114 -4.00 -12.04 34.51
N PRO A 115 -3.62 -10.81 34.08
CA PRO A 115 -2.46 -10.06 34.61
C PRO A 115 -2.51 -9.09 35.82
N SER A 116 -1.82 -9.21 36.97
CA SER A 116 -1.74 -8.10 37.97
C SER A 116 -0.87 -6.95 37.47
N VAL A 117 -1.55 -6.11 36.69
CA VAL A 117 -0.93 -4.90 36.12
C VAL A 117 -0.60 -3.82 37.14
N THR A 118 0.55 -3.15 37.08
CA THR A 118 0.77 -1.96 37.90
C THR A 118 1.64 -1.02 37.10
N LEU A 119 1.13 0.13 36.68
CA LEU A 119 1.92 1.09 35.89
C LEU A 119 2.87 1.86 36.81
N PHE A 120 3.93 2.51 36.35
CA PHE A 120 4.79 3.29 37.24
C PHE A 120 4.94 4.79 36.97
N PRO A 121 5.50 5.57 37.91
CA PRO A 121 5.95 6.94 37.67
C PRO A 121 7.34 7.17 37.04
N PRO A 122 7.61 8.25 36.26
CA PRO A 122 8.95 8.81 36.12
C PRO A 122 9.43 9.47 37.45
N SER A 123 10.49 8.89 37.99
CA SER A 123 11.06 9.37 39.24
C SER A 123 11.85 10.68 39.22
N SER A 124 11.72 11.44 40.32
CA SER A 124 12.42 12.73 40.54
C SER A 124 13.83 12.90 39.98
N GLU A 125 14.59 11.81 40.07
CA GLU A 125 15.95 11.64 39.53
C GLU A 125 16.22 11.76 38.01
N GLU A 126 15.57 10.98 37.14
CA GLU A 126 15.79 11.14 35.69
C GLU A 126 15.30 12.50 35.16
N LEU A 127 14.37 13.14 35.86
CA LEU A 127 13.94 14.49 35.57
C LEU A 127 15.10 15.52 35.56
N GLU A 128 16.26 15.26 36.20
CA GLU A 128 17.43 16.12 36.02
C GLU A 128 18.10 15.93 34.65
N THR A 129 18.24 14.70 34.14
CA THR A 129 18.79 14.48 32.80
C THR A 129 17.74 14.83 31.72
N ASN A 130 16.53 15.14 32.20
CA ASN A 130 15.32 15.50 31.47
C ASN A 130 14.55 14.36 30.77
N LYS A 131 15.09 13.16 30.98
CA LYS A 131 14.42 11.92 30.66
C LYS A 131 13.36 11.62 31.71
N ALA A 132 12.29 10.99 31.32
CA ALA A 132 11.25 10.60 32.25
C ALA A 132 10.75 9.31 31.66
N THR A 133 10.87 8.37 32.58
CA THR A 133 10.56 7.00 32.23
C THR A 133 9.46 6.19 32.91
N LEU A 134 8.76 5.66 31.91
CA LEU A 134 7.62 4.81 32.17
C LEU A 134 7.80 3.29 32.04
N VAL A 135 7.44 2.67 33.16
CA VAL A 135 7.29 1.21 33.22
C VAL A 135 5.79 0.85 33.50
N CYS A 136 5.29 -0.11 32.73
CA CYS A 136 4.04 -0.78 33.04
C CYS A 136 4.43 -2.21 33.42
N THR A 137 4.23 -2.57 34.69
CA THR A 137 4.58 -3.91 35.26
C THR A 137 3.40 -4.85 35.04
N ILE A 138 3.44 -5.62 33.94
CA ILE A 138 2.30 -6.47 33.53
C ILE A 138 2.60 -7.91 33.93
N THR A 139 2.00 -8.56 34.95
CA THR A 139 2.55 -9.86 35.43
C THR A 139 1.61 -10.97 35.87
N ASP A 140 2.09 -12.22 36.02
CA ASP A 140 1.32 -13.40 36.46
C ASP A 140 0.36 -13.98 35.38
N PHE A 141 0.51 -13.59 34.12
CA PHE A 141 -0.47 -13.97 33.12
C PHE A 141 -0.36 -15.30 32.36
N TYR A 142 -1.52 -15.97 32.21
CA TYR A 142 -1.64 -17.21 31.45
C TYR A 142 -2.97 -17.28 30.67
N PRO A 143 -2.92 -17.73 29.39
CA PRO A 143 -1.67 -17.96 28.64
C PRO A 143 -0.81 -16.75 28.23
N GLY A 144 0.40 -17.03 27.71
CA GLY A 144 1.44 -16.04 27.32
C GLY A 144 1.18 -14.92 26.31
N VAL A 145 -0.05 -14.68 25.89
CA VAL A 145 -0.46 -13.74 24.84
C VAL A 145 -1.31 -12.50 25.24
N VAL A 146 -0.63 -11.52 25.79
CA VAL A 146 -1.24 -10.29 26.25
C VAL A 146 -0.85 -9.17 25.30
N THR A 147 -1.56 -8.05 25.27
CA THR A 147 -1.06 -6.98 24.41
C THR A 147 -0.66 -5.75 25.19
N VAL A 148 0.05 -4.82 24.53
CA VAL A 148 0.29 -3.51 25.11
C VAL A 148 -0.25 -2.36 24.27
N ASP A 149 -1.24 -1.64 24.80
CA ASP A 149 -1.63 -0.38 24.19
C ASP A 149 -1.38 0.76 25.20
N TRP A 150 -0.79 1.89 24.80
CA TRP A 150 -0.48 3.02 25.69
C TRP A 150 -1.19 4.32 25.22
N LYS A 151 -1.79 5.24 26.02
CA LYS A 151 -2.38 6.49 25.47
C LYS A 151 -1.99 7.75 26.27
N VAL A 152 -1.39 8.83 25.74
CA VAL A 152 -0.84 9.97 26.55
C VAL A 152 -1.71 11.13 27.12
N ASP A 153 -2.95 11.14 26.65
CA ASP A 153 -4.13 11.87 27.12
C ASP A 153 -5.18 11.71 26.03
N GLY A 154 -5.78 10.53 26.13
CA GLY A 154 -6.69 10.05 25.09
C GLY A 154 -5.90 9.48 23.94
N THR A 155 -5.07 10.32 23.36
CA THR A 155 -4.05 10.01 22.36
C THR A 155 -3.21 8.70 22.44
N PRO A 156 -3.51 7.60 21.68
CA PRO A 156 -2.73 6.36 21.61
C PRO A 156 -1.31 6.60 21.12
N VAL A 157 -0.41 6.27 22.04
CA VAL A 157 0.99 6.50 21.81
C VAL A 157 1.63 5.72 20.66
N THR A 158 1.81 6.53 19.65
CA THR A 158 2.63 6.17 18.50
C THR A 158 4.13 6.48 18.73
N GLU A 159 4.36 7.30 19.73
CA GLU A 159 5.70 7.71 20.07
C GLU A 159 6.51 6.81 21.01
N GLY A 160 7.40 6.04 20.39
CA GLY A 160 8.45 5.27 21.07
C GLY A 160 8.11 4.31 22.20
N MET A 161 7.28 3.30 21.96
CA MET A 161 7.02 2.31 22.99
C MET A 161 7.89 1.05 22.78
N GLU A 162 8.73 0.75 23.80
CA GLU A 162 9.62 -0.41 23.82
C GLU A 162 9.16 -1.46 24.82
N THR A 163 9.08 -2.74 24.52
CA THR A 163 8.37 -3.74 25.34
C THR A 163 9.12 -5.03 25.68
N THR A 164 8.58 -6.04 26.35
CA THR A 164 9.26 -7.33 26.45
C THR A 164 8.48 -8.51 25.86
N GLN A 165 9.03 -9.69 25.53
CA GLN A 165 8.14 -10.85 25.28
C GLN A 165 8.04 -11.71 26.57
N PRO A 166 6.80 -12.00 26.97
CA PRO A 166 6.42 -12.95 27.98
C PRO A 166 7.39 -13.88 28.63
N SER A 167 8.11 -13.39 29.63
CA SER A 167 9.04 -14.26 30.36
C SER A 167 8.42 -15.14 31.45
N LYS A 168 8.63 -16.43 31.20
CA LYS A 168 8.03 -17.44 32.05
C LYS A 168 8.56 -17.45 33.47
N GLN A 169 7.76 -17.07 34.45
CA GLN A 169 8.21 -17.12 35.83
C GLN A 169 7.80 -18.35 36.64
N SER A 170 8.83 -18.70 37.46
CA SER A 170 8.90 -19.75 38.50
C SER A 170 7.90 -20.88 38.71
N ASN A 171 6.59 -20.60 38.59
CA ASN A 171 5.53 -21.60 38.58
C ASN A 171 5.02 -21.98 37.15
N ASN A 172 5.69 -21.38 36.17
CA ASN A 172 5.52 -21.50 34.72
C ASN A 172 4.39 -20.66 34.13
N LYS A 173 4.07 -19.56 34.81
CA LYS A 173 3.12 -18.54 34.31
C LYS A 173 3.90 -17.28 33.97
N TYR A 174 3.44 -16.47 33.02
CA TYR A 174 4.25 -15.35 32.53
C TYR A 174 4.29 -13.97 33.14
N MET A 175 5.31 -13.21 32.75
CA MET A 175 5.38 -11.78 33.06
C MET A 175 5.86 -10.90 31.89
N ALA A 176 5.58 -9.60 31.87
CA ALA A 176 6.07 -8.69 30.84
C ALA A 176 6.35 -7.27 31.34
N SER A 177 7.09 -6.45 30.58
CA SER A 177 7.27 -5.02 30.88
C SER A 177 7.22 -4.10 29.64
N SER A 178 6.69 -2.90 29.84
CA SER A 178 6.60 -1.92 28.75
C SER A 178 7.12 -0.54 29.09
N TYR A 179 8.20 -0.20 28.38
CA TYR A 179 8.88 1.08 28.54
C TYR A 179 8.50 2.18 27.57
N LEU A 180 7.82 3.17 28.13
CA LEU A 180 7.43 4.36 27.40
C LEU A 180 8.39 5.45 27.81
N THR A 181 9.22 5.86 26.85
CA THR A 181 10.27 6.82 27.22
C THR A 181 10.16 8.25 26.70
N LEU A 182 10.08 9.24 27.61
CA LEU A 182 9.98 10.65 27.21
C LEU A 182 10.77 11.76 27.96
N SER A 183 10.90 12.93 27.36
CA SER A 183 11.62 14.06 27.92
C SER A 183 10.69 14.99 28.71
N ALA A 184 11.08 15.71 29.79
CA ALA A 184 10.15 16.47 30.65
C ALA A 184 8.97 17.30 30.13
N ARG A 185 9.09 18.23 29.18
CA ARG A 185 7.90 18.89 28.59
C ARG A 185 6.95 17.90 27.94
N ALA A 186 7.52 16.84 27.34
CA ALA A 186 6.74 15.74 26.77
C ALA A 186 6.00 14.95 27.88
N TRP A 187 6.54 14.95 29.11
CA TRP A 187 5.75 14.49 30.23
C TRP A 187 4.75 15.63 30.55
N GLU A 188 5.17 16.67 31.29
CA GLU A 188 4.35 17.76 31.85
C GLU A 188 3.02 18.39 31.42
N ARG A 189 2.78 18.95 30.21
CA ARG A 189 1.42 19.37 29.85
C ARG A 189 0.58 18.16 29.41
N HIS A 190 0.47 17.12 30.23
CA HIS A 190 -0.28 15.90 29.95
C HIS A 190 -0.69 15.28 31.27
N ALA A 191 -1.98 15.07 31.50
CA ALA A 191 -2.42 14.46 32.77
C ALA A 191 -2.52 12.93 32.89
N SER A 192 -3.47 12.27 32.23
CA SER A 192 -3.58 10.83 32.36
C SER A 192 -2.91 9.94 31.30
N TYR A 193 -1.75 9.36 31.67
CA TYR A 193 -1.01 8.34 30.84
C TYR A 193 -1.47 6.89 31.11
N SER A 194 -2.14 6.35 30.12
CA SER A 194 -2.91 5.10 30.29
C SER A 194 -2.57 3.68 29.76
N CYS A 195 -2.12 2.83 30.69
CA CYS A 195 -1.69 1.46 30.41
C CYS A 195 -2.79 0.43 30.14
N GLN A 196 -2.90 0.00 28.89
CA GLN A 196 -3.92 -0.96 28.44
C GLN A 196 -3.52 -2.43 28.15
N VAL A 197 -3.94 -3.37 29.04
CA VAL A 197 -3.68 -4.79 28.84
C VAL A 197 -4.81 -5.84 28.60
N THR A 198 -4.69 -6.55 27.48
CA THR A 198 -5.69 -7.55 27.10
C THR A 198 -5.33 -9.04 27.15
N HIS A 199 -6.19 -9.80 27.80
CA HIS A 199 -6.17 -11.27 27.85
C HIS A 199 -7.43 -11.85 27.18
N GLU A 200 -7.29 -12.67 26.14
CA GLU A 200 -8.39 -13.36 25.44
C GLU A 200 -9.51 -12.49 24.83
N GLY A 201 -9.15 -11.19 24.74
CA GLY A 201 -10.03 -10.11 24.33
C GLY A 201 -10.68 -9.41 25.53
N HIS A 202 -9.96 -9.37 26.67
CA HIS A 202 -10.45 -8.73 27.92
C HIS A 202 -9.38 -7.86 28.63
N THR A 203 -9.59 -6.54 28.53
CA THR A 203 -8.63 -5.54 29.00
C THR A 203 -8.55 -5.17 30.46
N VAL A 204 -7.53 -4.38 30.81
CA VAL A 204 -7.27 -3.81 32.15
C VAL A 204 -6.77 -2.36 31.91
N GLU A 205 -6.95 -1.41 32.82
CA GLU A 205 -6.48 -0.05 32.62
C GLU A 205 -5.86 0.58 33.87
N LYS A 206 -4.69 1.17 33.72
CA LYS A 206 -4.02 1.92 34.78
C LYS A 206 -3.56 3.31 34.32
N SER A 207 -3.55 4.31 35.21
CA SER A 207 -3.08 5.68 34.93
C SER A 207 -2.39 6.48 36.03
N LEU A 208 -1.79 7.62 35.66
CA LEU A 208 -1.11 8.55 36.58
C LEU A 208 -1.65 9.99 36.40
N SER A 209 -0.97 11.07 36.84
CA SER A 209 -1.39 12.46 36.55
C SER A 209 -0.55 13.66 37.06
N ARG A 210 -1.01 14.88 36.72
CA ARG A 210 -0.32 16.09 37.12
C ARG A 210 -1.13 17.30 37.61
N ALA A 211 -2.26 17.61 36.96
CA ALA A 211 -3.11 18.78 37.25
C ALA A 211 -2.54 20.16 36.89
N GLN B 1 25.40 -36.14 17.94
CA GLN B 1 25.26 -37.03 16.77
C GLN B 1 25.31 -36.25 15.41
N VAL B 2 24.26 -35.99 14.63
CA VAL B 2 24.36 -34.96 13.57
C VAL B 2 24.03 -33.59 14.23
N GLN B 3 25.14 -32.87 14.46
CA GLN B 3 25.10 -31.51 15.02
C GLN B 3 25.45 -30.34 14.08
N PHE B 4 25.80 -29.15 14.58
CA PHE B 4 25.58 -27.95 13.74
C PHE B 4 26.14 -26.73 14.44
N GLN B 5 27.38 -26.74 14.83
CA GLN B 5 27.85 -25.71 15.73
C GLN B 5 28.05 -24.29 15.19
N GLN B 6 27.06 -23.46 15.49
CA GLN B 6 27.26 -22.05 15.28
C GLN B 6 27.92 -21.50 16.54
N SER B 7 28.67 -20.40 16.44
CA SER B 7 29.27 -19.72 17.60
C SER B 7 28.25 -19.22 18.64
N GLY B 8 28.44 -18.30 19.58
CA GLY B 8 27.39 -18.03 20.56
C GLY B 8 26.78 -16.63 20.73
N ALA B 9 27.61 -15.59 20.60
CA ALA B 9 27.26 -14.17 20.70
C ALA B 9 28.40 -13.34 20.09
N GLU B 10 28.08 -12.20 19.49
CA GLU B 10 29.10 -11.37 18.87
C GLU B 10 28.90 -9.86 19.06
N LEU B 11 29.89 -8.99 19.32
CA LEU B 11 29.57 -7.56 19.38
C LEU B 11 30.13 -6.72 18.21
N VAL B 12 29.34 -6.50 17.17
CA VAL B 12 29.83 -5.67 16.06
C VAL B 12 29.53 -4.19 16.31
N LYS B 13 30.37 -3.23 15.91
CA LYS B 13 29.85 -1.86 15.95
C LYS B 13 29.58 -1.23 14.56
N PRO B 14 28.65 -0.28 14.46
CA PRO B 14 28.33 0.43 13.21
C PRO B 14 29.45 0.86 12.23
N GLY B 15 29.48 0.16 11.09
CA GLY B 15 30.50 0.38 10.09
C GLY B 15 31.55 -0.71 10.11
N ALA B 16 31.57 -1.58 11.13
CA ALA B 16 32.44 -2.77 11.12
C ALA B 16 31.75 -4.02 10.47
N SER B 17 32.13 -4.52 9.30
CA SER B 17 31.46 -5.70 8.71
C SER B 17 31.64 -7.00 9.54
N VAL B 18 30.79 -8.02 9.52
CA VAL B 18 31.07 -9.24 10.30
C VAL B 18 31.15 -10.48 9.41
N LYS B 19 32.03 -11.42 9.77
CA LYS B 19 32.01 -12.76 9.18
C LYS B 19 31.68 -13.81 10.26
N LEU B 20 30.48 -14.34 10.09
CA LEU B 20 29.90 -15.36 10.96
C LEU B 20 29.97 -16.75 10.34
N SER B 21 30.10 -17.77 11.17
CA SER B 21 30.21 -19.11 10.66
C SER B 21 29.27 -20.04 11.34
N CYS B 22 28.96 -20.97 10.48
CA CYS B 22 28.11 -22.12 10.74
C CYS B 22 29.02 -23.31 10.63
N LYS B 23 29.48 -24.01 11.66
CA LYS B 23 30.23 -25.25 11.40
C LYS B 23 29.22 -26.38 11.38
N ALA B 24 29.14 -26.99 10.21
CA ALA B 24 28.29 -28.15 10.01
C ALA B 24 28.94 -29.39 10.61
N SER B 25 28.17 -30.34 11.16
CA SER B 25 28.73 -31.54 11.81
C SER B 25 28.01 -32.89 11.86
N GLY B 26 28.66 -33.86 11.17
CA GLY B 26 28.19 -35.26 11.12
C GLY B 26 27.29 -35.71 9.95
N TYR B 27 27.31 -34.94 8.88
CA TYR B 27 26.53 -35.29 7.71
C TYR B 27 27.33 -34.84 6.50
N THR B 28 26.91 -35.31 5.33
CA THR B 28 27.58 -34.96 4.08
C THR B 28 27.21 -33.63 3.41
N PHE B 29 27.86 -32.70 4.11
CA PHE B 29 27.88 -31.27 3.86
C PHE B 29 27.42 -30.78 2.49
N THR B 30 28.23 -31.14 1.48
CA THR B 30 28.01 -30.69 0.12
C THR B 30 26.71 -31.13 -0.48
N SER B 31 26.20 -32.26 -0.04
CA SER B 31 24.95 -32.75 -0.58
C SER B 31 23.76 -32.47 0.31
N TYR B 32 23.81 -31.26 0.86
CA TYR B 32 22.71 -30.65 1.62
C TYR B 32 22.73 -29.12 1.56
N LEU B 33 21.67 -28.57 1.01
CA LEU B 33 21.55 -27.13 0.92
C LEU B 33 21.60 -26.37 2.27
N MET B 34 22.13 -25.15 2.31
CA MET B 34 22.12 -24.38 3.55
C MET B 34 21.45 -23.01 3.45
N HIS B 35 20.62 -22.76 4.46
CA HIS B 35 19.95 -21.48 4.71
C HIS B 35 20.52 -20.61 5.82
N TRP B 36 20.33 -19.31 5.74
CA TRP B 36 20.62 -18.36 6.83
C TRP B 36 19.36 -17.51 6.99
N ILE B 37 18.87 -17.46 8.23
CA ILE B 37 17.57 -16.89 8.63
C ILE B 37 17.71 -15.87 9.74
N LYS B 38 17.34 -14.59 9.57
CA LYS B 38 17.42 -13.71 10.72
C LYS B 38 16.14 -13.60 11.47
N GLN B 39 16.40 -13.58 12.76
CA GLN B 39 15.38 -13.30 13.76
C GLN B 39 15.80 -11.99 14.37
N ARG B 40 15.09 -10.94 13.98
CA ARG B 40 15.23 -9.63 14.62
C ARG B 40 14.76 -9.72 16.07
N PRO B 41 15.27 -8.99 17.08
CA PRO B 41 14.96 -9.27 18.48
C PRO B 41 13.50 -9.44 18.90
N GLY B 42 13.05 -10.70 18.81
CA GLY B 42 11.72 -11.14 19.27
C GLY B 42 10.42 -11.01 18.42
N ARG B 43 10.27 -10.49 17.19
CA ARG B 43 8.93 -10.55 16.56
C ARG B 43 8.71 -11.57 15.42
N GLY B 44 9.53 -11.57 14.35
CA GLY B 44 9.36 -12.48 13.19
C GLY B 44 10.63 -12.86 12.39
N LEU B 45 10.71 -14.09 11.87
CA LEU B 45 11.82 -14.55 11.03
C LEU B 45 11.83 -14.02 9.61
N GLU B 46 13.04 -13.91 9.05
CA GLU B 46 13.32 -13.50 7.66
C GLU B 46 14.33 -14.41 6.99
N TRP B 47 14.01 -15.15 5.94
CA TRP B 47 15.08 -15.90 5.31
C TRP B 47 16.04 -14.88 4.63
N ILE B 48 17.33 -15.07 4.79
CA ILE B 48 18.36 -14.20 4.22
C ILE B 48 18.85 -14.67 2.84
N GLY B 49 19.35 -15.89 2.81
CA GLY B 49 19.95 -16.39 1.59
C GLY B 49 20.13 -17.90 1.62
N ARG B 50 20.76 -18.42 0.56
CA ARG B 50 20.85 -19.87 0.33
C ARG B 50 22.14 -20.44 -0.25
N ILE B 51 23.04 -21.11 0.49
CA ILE B 51 24.27 -21.66 -0.10
C ILE B 51 24.18 -23.12 -0.44
N ASP B 52 24.68 -23.48 -1.62
CA ASP B 52 24.79 -24.89 -1.96
C ASP B 52 26.20 -25.38 -1.72
N PRO B 53 26.53 -26.09 -0.65
CA PRO B 53 27.91 -26.48 -0.35
C PRO B 53 28.69 -27.22 -1.45
N ASN B 54 28.04 -27.99 -2.33
CA ASN B 54 28.68 -28.63 -3.48
C ASN B 54 29.15 -27.74 -4.61
N ASN B 55 28.39 -26.71 -4.96
CA ASN B 55 28.67 -25.82 -6.09
C ASN B 55 28.90 -24.34 -5.72
N VAL B 56 28.66 -24.07 -4.43
CA VAL B 56 28.68 -22.78 -3.73
C VAL B 56 27.47 -21.82 -3.90
N VAL B 57 26.84 -21.86 -5.09
CA VAL B 57 25.71 -21.02 -5.51
C VAL B 57 24.60 -20.72 -4.52
N THR B 58 24.29 -19.44 -4.64
CA THR B 58 23.30 -18.75 -3.83
C THR B 58 22.11 -18.01 -4.43
N LYS B 59 20.97 -18.34 -3.85
CA LYS B 59 19.81 -17.46 -3.99
C LYS B 59 19.87 -16.54 -2.74
N PHE B 60 19.56 -15.27 -2.91
CA PHE B 60 19.44 -14.34 -1.78
C PHE B 60 18.00 -13.99 -1.52
N ASN B 61 17.76 -13.16 -0.53
CA ASN B 61 16.42 -12.58 -0.46
C ASN B 61 16.43 -11.37 -1.39
N GLU B 62 15.29 -10.78 -1.77
CA GLU B 62 15.30 -9.44 -2.41
C GLU B 62 15.98 -8.47 -1.38
N LYS B 63 15.64 -8.71 -0.11
CA LYS B 63 16.08 -7.95 1.05
C LYS B 63 17.55 -7.95 1.42
N PHE B 64 18.32 -9.00 1.10
CA PHE B 64 19.72 -9.06 1.55
C PHE B 64 20.86 -9.13 0.52
N LYS B 65 20.48 -8.79 -0.72
CA LYS B 65 21.44 -8.60 -1.79
C LYS B 65 22.48 -7.46 -1.52
N SER B 66 22.20 -6.25 -1.03
CA SER B 66 23.32 -5.33 -0.71
C SER B 66 24.01 -5.64 0.63
N LYS B 67 23.65 -6.71 1.35
CA LYS B 67 24.25 -6.97 2.66
C LYS B 67 25.10 -8.24 2.74
N ALA B 68 24.59 -9.42 2.41
CA ALA B 68 25.39 -10.63 2.55
C ALA B 68 26.09 -11.29 1.36
N THR B 69 27.28 -11.71 1.77
CA THR B 69 28.02 -12.65 0.95
C THR B 69 27.99 -13.97 1.72
N LEU B 70 27.24 -14.90 1.14
CA LEU B 70 27.23 -16.24 1.64
C LEU B 70 28.37 -17.01 0.94
N THR B 71 29.29 -17.61 1.71
CA THR B 71 30.51 -18.24 1.18
C THR B 71 30.91 -19.57 1.86
N VAL B 72 31.26 -20.69 1.21
CA VAL B 72 31.58 -21.94 1.96
C VAL B 72 33.03 -22.50 2.02
N ASP B 73 33.30 -23.18 3.13
CA ASP B 73 34.56 -23.88 3.35
C ASP B 73 34.34 -25.40 3.38
N LYS B 74 34.43 -26.03 2.21
CA LYS B 74 34.28 -27.50 2.05
C LYS B 74 35.16 -28.43 2.93
N PRO B 75 36.51 -28.32 3.03
CA PRO B 75 37.31 -29.11 3.97
C PRO B 75 36.93 -29.03 5.44
N SER B 76 36.50 -27.86 5.92
CA SER B 76 36.20 -27.78 7.34
C SER B 76 34.71 -27.86 7.61
N SER B 77 33.98 -28.23 6.54
CA SER B 77 32.51 -28.16 6.46
C SER B 77 31.83 -27.01 7.20
N THR B 78 32.46 -25.86 7.04
CA THR B 78 31.93 -24.65 7.61
C THR B 78 31.33 -23.80 6.49
N ALA B 79 30.35 -22.98 6.84
CA ALA B 79 29.59 -22.24 5.85
C ALA B 79 29.26 -20.78 6.20
N TYR B 80 30.34 -20.02 6.31
CA TYR B 80 30.34 -18.62 6.70
C TYR B 80 29.48 -17.55 5.95
N MET B 81 28.77 -16.66 6.67
CA MET B 81 28.00 -15.53 6.16
C MET B 81 28.69 -14.19 6.47
N GLU B 82 28.74 -13.27 5.53
CA GLU B 82 29.42 -12.00 5.73
C GLU B 82 28.50 -10.86 5.47
N LEU B 83 28.38 -9.98 6.47
CA LEU B 83 27.45 -8.86 6.39
C LEU B 83 28.08 -7.45 6.25
N SER B 84 28.02 -6.91 5.02
CA SER B 84 28.71 -5.66 4.74
C SER B 84 28.18 -4.48 5.50
N SER B 85 29.11 -3.59 5.85
CA SER B 85 28.87 -2.43 6.70
C SER B 85 27.50 -1.80 6.98
N LEU B 86 27.13 -2.45 8.09
CA LEU B 86 25.84 -2.38 8.77
C LEU B 86 25.40 -1.23 9.69
N THR B 87 24.10 -1.07 9.63
CA THR B 87 23.34 -0.11 10.41
C THR B 87 23.14 -0.49 11.90
N SER B 88 22.67 0.40 12.78
CA SER B 88 22.16 -0.04 14.10
C SER B 88 20.92 -0.94 13.91
N GLU B 89 20.26 -0.73 12.75
CA GLU B 89 19.07 -1.44 12.31
C GLU B 89 19.22 -2.91 11.86
N ASP B 90 20.31 -3.63 12.15
CA ASP B 90 20.26 -5.09 12.03
C ASP B 90 21.08 -5.82 13.11
N SER B 91 20.84 -5.37 14.34
CA SER B 91 21.30 -6.12 15.50
C SER B 91 20.24 -7.20 15.74
N ALA B 92 20.61 -8.46 15.56
CA ALA B 92 19.65 -9.54 15.59
C ALA B 92 20.16 -10.82 16.19
N VAL B 93 19.61 -11.97 15.82
CA VAL B 93 20.11 -13.28 16.23
C VAL B 93 20.16 -14.05 14.94
N TYR B 94 21.30 -14.43 14.39
CA TYR B 94 21.35 -15.09 13.07
C TYR B 94 21.48 -16.60 13.01
N TYR B 95 20.68 -17.26 12.22
CA TYR B 95 20.76 -18.72 12.17
C TYR B 95 21.05 -19.36 10.82
N CYS B 96 22.06 -20.22 10.84
CA CYS B 96 22.22 -21.12 9.73
C CYS B 96 21.37 -22.34 10.02
N ALA B 97 20.75 -22.80 8.96
CA ALA B 97 19.89 -23.96 8.97
C ALA B 97 20.20 -24.83 7.78
N ARG B 98 20.39 -26.14 7.90
CA ARG B 98 20.53 -26.92 6.68
C ARG B 98 19.19 -27.47 6.21
N TYR B 99 19.09 -27.77 4.92
CA TYR B 99 17.93 -28.46 4.44
C TYR B 99 18.04 -29.27 3.12
N ALA B 100 17.37 -30.44 2.96
CA ALA B 100 17.35 -31.27 1.73
C ALA B 100 16.50 -30.70 0.60
N TYR B 101 15.43 -31.26 0.03
CA TYR B 101 14.67 -30.51 -0.95
C TYR B 101 13.54 -29.75 -0.20
N CYS B 102 13.36 -28.46 -0.57
CA CYS B 102 12.43 -27.48 -0.02
C CYS B 102 11.94 -27.49 1.43
N ARG B 103 12.74 -26.85 2.27
CA ARG B 103 12.48 -26.64 3.70
C ARG B 103 13.16 -25.37 4.20
N PRO B 104 12.85 -24.61 5.30
CA PRO B 104 13.87 -23.82 5.97
C PRO B 104 14.84 -24.81 6.54
N MET B 105 14.28 -25.92 7.01
CA MET B 105 15.13 -26.93 7.59
C MET B 105 14.61 -28.33 7.94
N ASP B 106 15.63 -29.08 8.40
CA ASP B 106 15.49 -30.23 9.31
C ASP B 106 16.45 -29.93 10.50
N TYR B 107 17.58 -29.21 10.32
CA TYR B 107 18.42 -28.72 11.43
C TYR B 107 18.89 -27.23 11.35
N TRP B 108 18.77 -26.44 12.42
CA TRP B 108 19.34 -25.09 12.51
C TRP B 108 20.37 -25.13 13.66
N GLY B 109 21.30 -24.20 13.66
CA GLY B 109 22.28 -24.10 14.75
C GLY B 109 21.78 -23.42 16.02
N GLN B 110 22.64 -22.90 16.91
CA GLN B 110 22.12 -22.18 18.10
C GLN B 110 21.56 -20.78 17.83
N GLY B 111 22.28 -20.03 16.98
CA GLY B 111 21.89 -18.71 16.50
C GLY B 111 22.75 -17.54 16.95
N THR B 112 23.87 -17.32 16.28
CA THR B 112 24.81 -16.29 16.73
C THR B 112 24.26 -14.88 16.63
N THR B 113 23.91 -14.46 17.84
CA THR B 113 23.42 -13.10 18.12
C THR B 113 24.46 -11.99 18.11
N VAL B 114 24.47 -11.27 17.02
CA VAL B 114 25.41 -10.18 16.91
C VAL B 114 24.68 -8.87 17.03
N THR B 115 24.94 -8.42 18.26
CA THR B 115 24.40 -7.18 18.81
C THR B 115 25.30 -6.01 18.37
N VAL B 116 24.72 -5.09 17.60
CA VAL B 116 25.44 -3.95 16.99
C VAL B 116 25.52 -2.62 17.80
N SER B 117 26.36 -2.48 18.84
CA SER B 117 26.31 -1.31 19.72
C SER B 117 27.16 -0.09 19.37
N SER B 118 28.42 2.57 18.34
CA SER B 118 29.82 2.72 18.65
C SER B 118 30.15 2.98 20.13
N ALA B 119 29.32 2.50 21.07
CA ALA B 119 29.48 2.86 22.46
C ALA B 119 29.91 1.76 23.46
N ALA B 120 30.95 2.02 24.29
CA ALA B 120 31.52 1.04 25.27
C ALA B 120 31.13 0.90 26.77
N THR B 121 31.53 -0.21 27.43
CA THR B 121 31.25 -0.58 28.85
C THR B 121 30.92 0.53 29.85
N THR B 122 29.66 0.66 30.24
CA THR B 122 29.19 1.77 31.08
C THR B 122 28.15 1.56 32.20
N PRO B 123 28.26 2.25 33.37
CA PRO B 123 27.42 2.05 34.57
C PRO B 123 25.93 2.48 34.62
N PRO B 124 24.99 1.59 35.05
CA PRO B 124 23.53 1.81 35.02
C PRO B 124 22.85 2.77 36.01
N SER B 125 22.23 3.88 35.58
CA SER B 125 21.59 4.84 36.50
C SER B 125 20.21 4.45 37.06
N VAL B 126 20.22 3.62 38.11
CA VAL B 126 19.03 3.10 38.78
C VAL B 126 18.12 4.03 39.60
N TYR B 127 16.86 3.99 39.18
CA TYR B 127 15.83 4.81 39.79
C TYR B 127 14.72 4.18 40.61
N PRO B 128 14.46 4.77 41.79
CA PRO B 128 13.32 4.43 42.64
C PRO B 128 11.96 4.78 42.06
N LEU B 129 11.22 3.73 41.74
CA LEU B 129 9.86 3.91 41.29
C LEU B 129 8.86 3.71 42.45
N ALA B 130 8.03 4.73 42.64
CA ALA B 130 7.05 4.72 43.71
C ALA B 130 5.65 4.35 43.27
N PRO B 131 5.03 3.35 43.88
CA PRO B 131 3.58 3.11 43.79
C PRO B 131 2.62 4.24 44.20
N GLY B 132 2.52 5.26 43.33
CA GLY B 132 1.61 6.39 43.55
C GLY B 132 0.56 6.56 42.45
N SER B 133 0.41 5.49 41.65
CA SER B 133 -0.49 5.34 40.50
C SER B 133 -2.01 5.15 40.69
N ALA B 134 -2.79 4.87 39.63
CA ALA B 134 -4.24 4.65 39.78
C ALA B 134 -4.73 3.32 40.39
N ALA B 135 -5.04 3.41 41.69
CA ALA B 135 -5.57 2.34 42.56
C ALA B 135 -5.55 2.78 44.03
N GLN B 136 -6.65 2.71 44.82
CA GLN B 136 -6.57 3.07 46.26
C GLN B 136 -5.64 2.13 47.05
N THR B 137 -4.87 2.74 47.93
CA THR B 137 -3.96 2.08 48.87
C THR B 137 -4.60 0.89 49.57
N ASN B 138 -4.42 -0.28 48.98
CA ASN B 138 -4.92 -1.50 49.59
C ASN B 138 -3.87 -2.60 49.63
N SER B 139 -4.04 -3.45 50.65
CA SER B 139 -3.21 -4.61 50.95
C SER B 139 -1.79 -4.74 50.36
N MET B 140 -1.51 -5.19 49.13
CA MET B 140 -0.11 -5.25 48.68
C MET B 140 0.34 -4.21 47.66
N VAL B 141 1.41 -3.53 48.06
CA VAL B 141 2.01 -2.46 47.26
C VAL B 141 3.18 -2.84 46.32
N THR B 142 3.12 -2.52 45.03
CA THR B 142 4.23 -2.93 44.14
C THR B 142 5.23 -1.83 43.80
N LEU B 143 6.44 -2.13 44.23
CA LEU B 143 7.61 -1.28 44.10
C LEU B 143 8.62 -1.73 42.99
N GLY B 144 9.29 -0.77 42.37
CA GLY B 144 10.22 -1.11 41.30
C GLY B 144 11.48 -0.25 41.21
N CYS B 145 12.58 -0.97 41.03
CA CYS B 145 13.87 -0.34 40.74
C CYS B 145 14.22 -0.54 39.25
N LEU B 146 14.29 0.55 38.49
CA LEU B 146 14.67 0.58 37.07
C LEU B 146 16.17 0.83 36.92
N VAL B 147 16.97 -0.13 36.42
CA VAL B 147 18.40 0.07 36.29
C VAL B 147 18.77 0.36 34.85
N LYS B 148 18.55 1.62 34.54
CA LYS B 148 18.75 2.18 33.20
C LYS B 148 20.15 2.51 32.69
N GLY B 149 20.43 2.28 31.39
CA GLY B 149 21.63 2.78 30.72
C GLY B 149 22.97 2.07 30.92
N TYR B 150 22.91 0.75 30.85
CA TYR B 150 24.14 0.00 31.08
C TYR B 150 24.74 -0.71 29.91
N PHE B 151 26.06 -0.89 29.97
CA PHE B 151 26.75 -1.66 28.95
C PHE B 151 27.94 -2.47 29.46
N PRO B 152 28.16 -3.76 29.18
CA PRO B 152 27.30 -4.64 28.39
C PRO B 152 26.05 -5.24 29.09
N GLU B 153 25.27 -6.14 28.42
CA GLU B 153 24.08 -6.81 28.98
C GLU B 153 24.07 -7.32 30.44
N PRO B 154 25.12 -7.92 31.00
CA PRO B 154 25.13 -8.40 32.39
C PRO B 154 24.81 -7.57 33.65
N VAL B 155 23.54 -7.55 34.06
CA VAL B 155 23.16 -6.98 35.37
C VAL B 155 22.51 -8.12 36.19
N THR B 156 22.92 -8.18 37.46
CA THR B 156 22.58 -9.27 38.38
C THR B 156 21.99 -8.77 39.71
N VAL B 157 20.71 -8.35 39.65
CA VAL B 157 20.01 -7.60 40.73
C VAL B 157 19.11 -8.18 41.83
N THR B 158 19.72 -8.21 42.99
CA THR B 158 19.10 -8.60 44.26
C THR B 158 18.28 -7.48 44.89
N TRP B 159 17.03 -7.67 45.35
CA TRP B 159 16.29 -6.53 45.91
C TRP B 159 16.60 -6.09 47.34
N ASN B 160 16.04 -6.58 48.46
CA ASN B 160 16.39 -6.07 49.80
C ASN B 160 17.66 -6.74 50.34
N SER B 161 18.74 -6.27 49.74
CA SER B 161 20.10 -6.76 49.94
C SER B 161 20.36 -8.26 49.76
N GLY B 162 19.35 -9.12 49.63
CA GLY B 162 19.53 -10.58 49.57
C GLY B 162 18.41 -11.40 50.24
N ALA B 163 17.94 -11.05 51.44
CA ALA B 163 16.94 -11.88 52.10
C ALA B 163 15.51 -12.01 51.59
N LEU B 164 14.88 -11.09 50.84
CA LEU B 164 13.44 -11.26 50.49
C LEU B 164 13.00 -11.87 49.13
N SER B 165 12.96 -13.20 49.01
CA SER B 165 12.39 -13.80 47.78
C SER B 165 10.88 -13.50 47.48
N SER B 166 10.03 -13.46 48.49
CA SER B 166 8.59 -13.47 48.31
C SER B 166 7.71 -12.39 47.65
N GLY B 167 7.98 -12.15 46.37
CA GLY B 167 7.27 -11.16 45.56
C GLY B 167 8.11 -10.51 44.45
N VAL B 168 9.40 -10.84 44.38
CA VAL B 168 10.27 -10.26 43.37
C VAL B 168 10.11 -10.79 41.93
N HIS B 169 10.07 -9.93 40.89
CA HIS B 169 10.11 -10.36 39.47
C HIS B 169 11.04 -9.41 38.77
N THR B 170 12.27 -9.78 38.48
CA THR B 170 13.12 -8.95 37.62
C THR B 170 12.55 -9.03 36.20
N PHE B 171 12.70 -8.02 35.35
CA PHE B 171 12.23 -8.15 33.99
C PHE B 171 13.30 -8.66 33.06
N PRO B 172 12.93 -9.24 31.92
CA PRO B 172 13.85 -9.39 30.79
C PRO B 172 14.31 -8.04 30.13
N ALA B 173 15.59 -7.71 29.92
CA ALA B 173 15.88 -6.40 29.38
C ALA B 173 15.78 -6.09 27.88
N VAL B 174 15.53 -4.78 27.69
CA VAL B 174 15.40 -4.12 26.39
C VAL B 174 16.59 -3.26 26.01
N LEU B 175 16.86 -2.91 24.75
CA LEU B 175 17.92 -1.95 24.51
C LEU B 175 17.68 -0.66 23.67
N GLN B 176 17.40 0.39 24.45
CA GLN B 176 17.28 1.70 23.86
C GLN B 176 18.65 2.28 23.51
N SER B 177 18.76 2.68 22.25
CA SER B 177 19.97 3.28 21.71
C SER B 177 21.35 2.74 22.10
N ASP B 178 21.59 1.57 21.50
CA ASP B 178 22.82 0.77 21.59
C ASP B 178 23.20 0.23 22.99
N LEU B 179 22.83 0.91 24.09
CA LEU B 179 22.94 0.32 25.42
C LEU B 179 21.62 -0.30 25.96
N TYR B 180 21.63 -1.01 27.09
CA TYR B 180 20.43 -1.60 27.67
C TYR B 180 19.64 -0.84 28.77
N THR B 181 18.39 -1.22 28.94
CA THR B 181 17.54 -0.69 30.01
C THR B 181 16.76 -1.82 30.68
N LEU B 182 16.75 -1.99 32.00
CA LEU B 182 15.91 -3.01 32.66
C LEU B 182 15.21 -2.62 33.97
N SER B 183 14.00 -3.09 34.30
CA SER B 183 13.54 -2.90 35.68
C SER B 183 13.33 -4.22 36.45
N SER B 184 13.37 -4.14 37.77
CA SER B 184 13.10 -5.29 38.64
C SER B 184 12.06 -4.84 39.65
N SER B 185 11.07 -5.68 39.81
CA SER B 185 9.88 -5.37 40.59
C SER B 185 9.73 -6.17 41.85
N VAL B 186 8.85 -5.71 42.76
CA VAL B 186 8.56 -6.37 44.03
C VAL B 186 7.16 -5.98 44.57
N THR B 187 6.34 -6.82 45.26
CA THR B 187 5.04 -6.34 45.81
C THR B 187 4.72 -6.67 47.28
N VAL B 188 5.55 -6.25 48.23
CA VAL B 188 5.27 -6.50 49.65
C VAL B 188 4.03 -5.77 50.22
N PRO B 189 3.17 -6.28 51.13
CA PRO B 189 1.99 -5.56 51.64
C PRO B 189 2.25 -4.38 52.61
N ALA B 190 1.30 -3.45 52.71
CA ALA B 190 1.35 -2.30 53.62
C ALA B 190 2.14 -2.36 54.94
N SER B 191 1.95 -3.43 55.72
CA SER B 191 2.66 -3.64 56.98
C SER B 191 4.03 -4.26 56.75
N THR B 192 4.74 -3.49 55.94
CA THR B 192 6.13 -3.62 55.50
C THR B 192 6.46 -2.19 55.02
N TRP B 193 6.08 -1.78 53.82
CA TRP B 193 6.48 -0.51 53.23
C TRP B 193 5.57 0.69 53.53
N PRO B 194 6.01 1.96 53.64
CA PRO B 194 7.32 2.38 54.11
C PRO B 194 7.97 1.85 55.42
N SER B 195 7.31 1.35 56.50
CA SER B 195 8.01 0.90 57.74
C SER B 195 9.20 -0.10 57.66
N GLY B 196 9.01 -1.42 57.43
CA GLY B 196 10.12 -2.35 57.16
C GLY B 196 10.74 -1.96 55.81
N THR B 197 11.74 -1.09 55.86
CA THR B 197 12.30 -0.49 54.63
C THR B 197 12.87 -1.27 53.41
N VAL B 198 12.60 -0.59 52.29
CA VAL B 198 12.90 -1.08 50.97
C VAL B 198 13.88 -0.27 50.11
N THR B 199 14.96 -0.99 49.82
CA THR B 199 16.09 -0.49 49.06
C THR B 199 16.63 -1.64 48.26
N CYS B 200 16.98 -1.39 47.00
CA CYS B 200 17.46 -2.39 46.06
C CYS B 200 18.97 -2.47 45.83
N ASN B 201 19.48 -3.65 45.42
CA ASN B 201 20.92 -3.77 45.05
C ASN B 201 21.21 -3.77 43.56
N VAL B 202 22.21 -3.03 43.10
CA VAL B 202 22.54 -3.05 41.69
C VAL B 202 24.01 -3.38 41.38
N ALA B 203 23.98 -4.65 40.98
CA ALA B 203 25.15 -5.39 40.57
C ALA B 203 25.21 -5.46 39.05
N HIS B 204 26.31 -4.95 38.55
CA HIS B 204 26.61 -4.93 37.11
C HIS B 204 28.09 -5.26 36.77
N PRO B 205 28.51 -6.55 36.78
CA PRO B 205 29.91 -6.98 36.92
C PRO B 205 30.96 -6.22 36.10
N ALA B 206 31.07 -6.38 34.76
CA ALA B 206 32.04 -5.63 33.94
C ALA B 206 32.45 -4.19 34.37
N SER B 207 31.57 -3.18 34.25
CA SER B 207 31.82 -1.80 34.72
C SER B 207 31.57 -1.63 36.25
N SER B 208 32.54 -1.95 37.14
CA SER B 208 32.31 -2.00 38.61
C SER B 208 31.35 -1.05 39.34
N THR B 209 30.27 -1.76 39.67
CA THR B 209 29.08 -1.22 40.32
C THR B 209 28.33 -2.30 41.12
N ALA B 210 28.13 -1.90 42.40
CA ALA B 210 27.41 -2.66 43.41
C ALA B 210 26.37 -1.84 44.20
N VAL B 211 25.70 -0.91 43.46
CA VAL B 211 24.77 0.13 43.95
C VAL B 211 23.57 -0.14 44.83
N ASP B 212 23.56 0.37 46.08
CA ASP B 212 22.38 0.31 47.00
C ASP B 212 21.38 1.49 47.00
N LYS B 213 20.40 1.55 46.09
CA LYS B 213 19.53 2.71 46.06
C LYS B 213 18.19 2.50 46.76
N LYS B 214 17.84 3.48 47.60
CA LYS B 214 16.61 3.53 48.43
C LYS B 214 15.26 4.00 47.83
N ILE B 215 14.21 3.30 48.18
CA ILE B 215 12.88 3.61 47.68
C ILE B 215 12.07 4.45 48.68
N VAL B 216 11.35 5.47 48.18
CA VAL B 216 10.45 6.26 49.02
C VAL B 216 9.18 6.71 48.28
N PRO B 217 8.16 7.31 48.92
CA PRO B 217 7.20 8.14 48.22
C PRO B 217 7.76 9.52 47.86
N ARG B 218 7.27 10.04 46.74
CA ARG B 218 7.70 11.34 46.27
C ARG B 218 6.60 12.47 46.22
N ALA C 1 -20.47 12.57 -45.49
CA ALA C 1 -20.39 11.46 -44.55
C ALA C 1 -19.92 11.65 -43.09
N VAL C 2 -20.90 11.74 -42.19
CA VAL C 2 -20.63 11.72 -40.75
C VAL C 2 -21.35 10.53 -40.11
N VAL C 3 -20.60 9.67 -39.44
CA VAL C 3 -21.26 8.58 -38.80
C VAL C 3 -21.78 8.91 -37.40
N THR C 4 -23.08 8.62 -37.48
CA THR C 4 -24.02 8.81 -36.41
C THR C 4 -24.77 7.55 -35.96
N GLN C 5 -24.10 7.23 -34.85
CA GLN C 5 -24.52 6.26 -33.87
C GLN C 5 -24.88 7.06 -32.62
N GLU C 6 -25.98 6.66 -32.02
CA GLU C 6 -26.56 7.21 -30.80
C GLU C 6 -25.62 7.61 -29.64
N SER C 7 -25.92 8.54 -28.71
CA SER C 7 -24.96 8.94 -27.64
C SER C 7 -24.49 7.93 -26.61
N ALA C 8 -25.41 7.40 -25.77
CA ALA C 8 -25.08 6.44 -24.70
C ALA C 8 -26.21 5.70 -24.00
N LEU C 9 -26.21 4.38 -23.96
CA LEU C 9 -27.31 3.68 -23.32
C LEU C 9 -27.04 2.60 -22.26
N THR C 10 -28.14 2.23 -21.63
CA THR C 10 -28.12 1.26 -20.54
C THR C 10 -28.94 0.03 -20.87
N THR C 11 -28.53 -1.02 -20.14
CA THR C 11 -29.30 -2.28 -19.97
C THR C 11 -28.72 -3.05 -18.77
N SER C 12 -29.40 -4.13 -18.34
CA SER C 12 -29.06 -4.93 -17.15
C SER C 12 -28.40 -6.27 -17.44
N PRO C 13 -27.33 -6.73 -16.76
CA PRO C 13 -26.62 -7.95 -17.10
C PRO C 13 -27.53 -9.19 -17.21
N GLY C 14 -27.68 -9.60 -18.47
CA GLY C 14 -28.56 -10.70 -18.87
C GLY C 14 -29.47 -10.29 -20.04
N GLU C 15 -30.02 -9.07 -20.06
CA GLU C 15 -30.93 -8.66 -21.13
C GLU C 15 -30.23 -8.28 -22.45
N THR C 16 -30.91 -8.49 -23.56
CA THR C 16 -30.49 -8.10 -24.91
C THR C 16 -30.14 -6.62 -25.07
N VAL C 17 -29.03 -6.24 -25.74
CA VAL C 17 -28.84 -4.81 -26.05
C VAL C 17 -28.40 -4.64 -27.49
N THR C 18 -29.14 -3.90 -28.30
CA THR C 18 -28.80 -3.80 -29.73
C THR C 18 -28.45 -2.39 -30.25
N LEU C 19 -27.18 -2.01 -30.41
CA LEU C 19 -26.84 -0.68 -30.95
C LEU C 19 -26.89 -0.52 -32.48
N THR C 20 -26.88 0.70 -33.05
CA THR C 20 -26.76 0.82 -34.52
C THR C 20 -25.80 1.89 -35.01
N CYS C 21 -25.69 1.99 -36.35
CA CYS C 21 -24.76 2.90 -37.03
C CYS C 21 -25.16 3.44 -38.40
N ARG C 22 -25.79 4.62 -38.45
CA ARG C 22 -26.19 5.16 -39.73
C ARG C 22 -25.28 6.28 -40.25
N SER C 23 -25.37 6.48 -41.57
CA SER C 23 -24.64 7.51 -42.30
C SER C 23 -25.47 8.69 -42.80
N SER C 24 -25.08 9.89 -42.43
CA SER C 24 -25.73 11.10 -42.96
C SER C 24 -25.77 11.13 -44.49
N THR C 25 -24.77 10.45 -45.05
CA THR C 25 -24.68 10.27 -46.49
C THR C 25 -25.49 8.98 -46.76
N GLY C 26 -26.81 9.20 -46.64
CA GLY C 26 -27.84 8.18 -46.83
C GLY C 26 -27.86 6.93 -45.93
N ALA C 27 -26.97 6.00 -46.25
CA ALA C 27 -27.05 4.66 -45.66
C ALA C 27 -25.91 3.60 -45.79
N VAL C 28 -25.89 2.67 -44.85
CA VAL C 28 -24.97 1.57 -44.96
C VAL C 28 -25.56 0.55 -45.92
N THR C 29 -24.66 0.26 -46.86
CA THR C 29 -24.72 -0.88 -47.79
C THR C 29 -23.52 -1.72 -47.39
N THR C 30 -23.44 -3.03 -47.68
CA THR C 30 -22.21 -3.76 -47.34
C THR C 30 -20.92 -3.21 -47.97
N SER C 31 -21.06 -2.24 -48.88
CA SER C 31 -19.95 -1.44 -49.41
C SER C 31 -19.05 -0.89 -48.33
N ASN C 32 -19.58 -0.08 -47.42
CA ASN C 32 -18.85 0.62 -46.33
C ASN C 32 -18.01 -0.26 -45.39
N TYR C 33 -18.04 -1.61 -45.52
CA TYR C 33 -17.29 -2.53 -44.69
C TYR C 33 -17.28 -2.27 -43.17
N ALA C 34 -18.46 -1.96 -42.62
CA ALA C 34 -18.66 -1.59 -41.23
C ALA C 34 -17.92 -2.33 -40.13
N ASN C 35 -17.37 -1.41 -39.32
CA ASN C 35 -16.47 -1.67 -38.18
C ASN C 35 -16.79 -1.20 -36.76
N TRP C 36 -16.73 -2.08 -35.76
CA TRP C 36 -17.10 -1.77 -34.36
C TRP C 36 -16.08 -1.82 -33.20
N VAL C 37 -15.16 -0.87 -33.00
CA VAL C 37 -14.15 -0.95 -31.91
C VAL C 37 -14.57 -0.66 -30.46
N GLN C 38 -13.75 -1.12 -29.48
CA GLN C 38 -14.11 -1.08 -28.06
C GLN C 38 -13.18 -0.52 -26.97
N GLU C 39 -13.38 0.71 -26.40
CA GLU C 39 -12.47 1.19 -25.31
C GLU C 39 -12.87 0.90 -23.86
N LYS C 40 -11.86 0.58 -23.06
CA LYS C 40 -12.08 0.09 -21.70
C LYS C 40 -11.69 0.84 -20.39
N PRO C 41 -11.27 0.16 -19.31
CA PRO C 41 -10.09 0.46 -18.54
C PRO C 41 -8.90 1.01 -19.27
N ASP C 42 -8.42 2.21 -18.91
CA ASP C 42 -7.24 2.89 -19.47
C ASP C 42 -6.60 2.60 -20.84
N ARG C 43 -7.05 3.37 -21.83
CA ARG C 43 -6.49 3.36 -23.20
C ARG C 43 -6.39 2.06 -23.99
N LEU C 44 -7.03 1.02 -23.48
CA LEU C 44 -7.14 -0.21 -24.24
C LEU C 44 -8.26 -0.13 -25.28
N PHE C 45 -8.07 -0.74 -26.46
CA PHE C 45 -9.10 -0.65 -27.48
C PHE C 45 -9.73 -1.82 -28.25
N THR C 46 -9.76 -3.09 -27.84
CA THR C 46 -10.52 -4.23 -28.44
C THR C 46 -11.25 -4.20 -29.82
N GLY C 47 -10.78 -4.77 -30.95
CA GLY C 47 -11.54 -4.74 -32.23
C GLY C 47 -12.53 -5.91 -32.45
N LEU C 48 -13.84 -5.61 -32.40
CA LEU C 48 -14.96 -6.55 -32.48
C LEU C 48 -15.57 -6.92 -33.83
N ILE C 49 -16.18 -5.93 -34.48
CA ILE C 49 -16.88 -6.20 -35.73
C ILE C 49 -16.32 -5.61 -37.03
N GLY C 50 -15.93 -6.56 -37.88
CA GLY C 50 -15.45 -6.32 -39.22
C GLY C 50 -16.54 -6.57 -40.26
N GLY C 51 -16.57 -5.70 -41.26
CA GLY C 51 -17.41 -5.83 -42.44
C GLY C 51 -18.87 -6.24 -42.26
N THR C 52 -19.62 -5.40 -41.55
CA THR C 52 -21.02 -5.67 -41.22
C THR C 52 -21.29 -6.85 -40.24
N ASN C 53 -20.39 -7.88 -40.17
CA ASN C 53 -20.54 -9.18 -39.48
C ASN C 53 -19.27 -10.06 -39.18
N ASN C 54 -18.12 -9.87 -39.81
CA ASN C 54 -16.89 -10.58 -39.48
C ASN C 54 -16.42 -10.23 -38.07
N ARG C 55 -16.81 -11.04 -37.12
CA ARG C 55 -16.37 -10.87 -35.75
C ARG C 55 -14.84 -11.08 -35.58
N GLY C 56 -14.25 -10.49 -34.54
CA GLY C 56 -12.82 -10.56 -34.32
C GLY C 56 -12.18 -11.70 -33.49
N PRO C 57 -10.83 -11.68 -33.50
CA PRO C 57 -9.89 -12.71 -33.00
C PRO C 57 -9.81 -13.19 -31.54
N GLY C 58 -11.01 -13.33 -30.92
CA GLY C 58 -11.20 -13.56 -29.47
C GLY C 58 -12.34 -12.70 -28.87
N VAL C 59 -13.22 -12.15 -29.71
CA VAL C 59 -14.38 -11.36 -29.25
C VAL C 59 -15.45 -12.39 -28.93
N PRO C 60 -16.21 -12.33 -27.82
CA PRO C 60 -17.23 -13.31 -27.50
C PRO C 60 -18.36 -13.43 -28.52
N ALA C 61 -18.69 -14.64 -28.99
CA ALA C 61 -19.85 -14.84 -29.86
C ALA C 61 -21.23 -14.81 -29.14
N ARG C 62 -21.41 -13.55 -28.76
CA ARG C 62 -22.48 -12.82 -28.07
C ARG C 62 -22.75 -11.69 -29.05
N PHE C 63 -21.60 -11.09 -29.41
CA PHE C 63 -21.40 -10.04 -30.39
C PHE C 63 -21.75 -10.34 -31.86
N SER C 64 -22.83 -9.64 -32.19
CA SER C 64 -23.50 -9.81 -33.47
C SER C 64 -23.53 -8.60 -34.38
N GLY C 65 -23.12 -8.90 -35.61
CA GLY C 65 -23.11 -7.93 -36.69
C GLY C 65 -24.28 -8.09 -37.67
N SER C 66 -25.29 -7.25 -37.52
CA SER C 66 -26.41 -7.24 -38.46
C SER C 66 -26.55 -5.84 -39.03
N LEU C 67 -26.34 -5.67 -40.32
CA LEU C 67 -26.57 -4.40 -41.03
C LEU C 67 -28.10 -4.23 -41.01
N ILE C 68 -28.70 -3.76 -39.90
CA ILE C 68 -30.15 -3.75 -39.79
C ILE C 68 -30.76 -2.61 -40.59
N GLY C 69 -31.39 -3.08 -41.65
CA GLY C 69 -32.02 -2.24 -42.64
C GLY C 69 -30.93 -1.54 -43.46
N ASP C 70 -31.01 -0.21 -43.54
CA ASP C 70 -30.00 0.55 -44.27
C ASP C 70 -28.93 1.23 -43.38
N LYS C 71 -28.69 0.64 -42.22
CA LYS C 71 -27.61 1.06 -41.34
C LYS C 71 -26.94 -0.15 -40.67
N ALA C 72 -25.67 -0.06 -40.31
CA ALA C 72 -25.03 -1.17 -39.60
C ALA C 72 -25.61 -1.31 -38.18
N ALA C 73 -25.79 -2.51 -37.61
CA ALA C 73 -26.27 -2.58 -36.23
C ALA C 73 -25.72 -3.66 -35.34
N LEU C 74 -25.12 -3.31 -34.19
CA LEU C 74 -24.54 -4.37 -33.38
C LEU C 74 -25.41 -4.80 -32.22
N THR C 75 -25.41 -6.11 -32.06
CA THR C 75 -26.17 -6.75 -31.00
C THR C 75 -25.28 -7.38 -29.93
N ILE C 76 -25.31 -6.92 -28.67
CA ILE C 76 -24.70 -7.68 -27.55
C ILE C 76 -25.86 -8.40 -26.85
N THR C 77 -26.08 -9.59 -27.40
CA THR C 77 -27.16 -10.47 -26.98
C THR C 77 -26.88 -10.94 -25.56
N GLY C 78 -27.71 -10.65 -24.54
CA GLY C 78 -27.41 -11.13 -23.19
C GLY C 78 -26.32 -10.38 -22.41
N ALA C 79 -26.36 -9.05 -22.55
CA ALA C 79 -25.36 -8.14 -21.98
C ALA C 79 -24.63 -8.36 -20.64
N GLN C 80 -23.31 -8.19 -20.66
CA GLN C 80 -22.47 -8.46 -19.49
C GLN C 80 -21.77 -7.33 -18.75
N THR C 81 -21.69 -7.42 -17.41
CA THR C 81 -20.78 -6.60 -16.54
C THR C 81 -19.44 -6.21 -17.17
N GLU C 82 -18.77 -7.26 -17.69
CA GLU C 82 -17.54 -7.20 -18.45
C GLU C 82 -17.59 -6.16 -19.58
N ASP C 83 -18.73 -6.07 -20.30
CA ASP C 83 -18.95 -5.20 -21.49
C ASP C 83 -19.37 -3.71 -21.40
N GLU C 84 -18.99 -3.15 -20.24
CA GLU C 84 -19.13 -1.73 -19.94
C GLU C 84 -18.05 -0.92 -20.66
N ALA C 85 -18.45 -0.28 -21.73
CA ALA C 85 -17.46 0.39 -22.58
C ALA C 85 -18.01 1.42 -23.55
N ILE C 86 -17.10 2.16 -24.20
CA ILE C 86 -17.53 3.03 -25.29
C ILE C 86 -17.17 2.28 -26.62
N TYR C 87 -18.28 2.00 -27.34
CA TYR C 87 -18.39 1.23 -28.57
C TYR C 87 -18.28 1.90 -29.96
N PHE C 88 -17.10 2.24 -30.49
CA PHE C 88 -17.03 3.03 -31.73
C PHE C 88 -17.30 2.37 -33.07
N CYS C 89 -18.48 2.53 -33.67
CA CYS C 89 -18.70 2.09 -35.07
C CYS C 89 -17.89 2.94 -36.11
N ALA C 90 -17.54 2.38 -37.27
CA ALA C 90 -16.82 3.13 -38.29
C ALA C 90 -17.09 2.66 -39.71
N LEU C 91 -17.27 3.59 -40.66
CA LEU C 91 -17.62 3.28 -42.06
C LEU C 91 -16.67 3.84 -43.13
N TRP C 92 -16.46 3.10 -44.22
CA TRP C 92 -15.56 3.46 -45.32
C TRP C 92 -16.20 4.03 -46.56
N TYR C 93 -15.77 5.22 -46.94
CA TYR C 93 -16.32 5.85 -48.13
C TYR C 93 -15.30 6.02 -49.22
N SER C 94 -15.45 5.21 -50.25
CA SER C 94 -14.50 5.14 -51.37
C SER C 94 -13.07 4.83 -50.91
N ASN C 95 -12.32 5.83 -50.43
CA ASN C 95 -10.95 5.65 -49.91
C ASN C 95 -10.68 6.33 -48.52
N HIS C 96 -11.66 6.70 -47.67
CA HIS C 96 -11.38 7.26 -46.35
C HIS C 96 -12.23 6.87 -45.12
N TRP C 97 -11.79 6.27 -44.01
CA TRP C 97 -12.68 6.06 -42.85
C TRP C 97 -13.26 7.27 -42.07
N VAL C 98 -14.46 7.14 -41.47
CA VAL C 98 -14.99 8.14 -40.50
C VAL C 98 -15.68 7.48 -39.27
N PHE C 99 -15.11 7.67 -38.09
CA PHE C 99 -15.63 7.07 -36.86
C PHE C 99 -16.87 7.75 -36.28
N GLY C 100 -17.86 6.99 -35.84
CA GLY C 100 -18.93 7.61 -35.03
C GLY C 100 -18.35 7.98 -33.67
N GLY C 101 -18.76 9.10 -33.12
CA GLY C 101 -18.15 9.60 -31.88
C GLY C 101 -18.59 8.92 -30.60
N GLY C 102 -18.66 7.59 -30.57
CA GLY C 102 -19.00 6.89 -29.35
C GLY C 102 -20.45 6.84 -28.87
N THR C 103 -20.78 5.54 -28.75
CA THR C 103 -21.97 5.23 -28.00
C THR C 103 -21.47 4.54 -26.75
N LYS C 104 -21.84 5.09 -25.60
CA LYS C 104 -21.44 4.48 -24.34
C LYS C 104 -22.40 3.36 -23.86
N LEU C 105 -21.86 2.25 -23.36
CA LEU C 105 -22.66 1.16 -22.82
C LEU C 105 -22.52 0.92 -21.32
N THR C 106 -23.59 1.34 -20.61
CA THR C 106 -23.73 1.17 -19.15
C THR C 106 -24.49 -0.11 -18.87
N VAL C 107 -23.87 -1.12 -18.24
CA VAL C 107 -24.63 -2.32 -17.85
C VAL C 107 -24.72 -2.50 -16.34
N LEU C 108 -25.68 -1.68 -15.91
CA LEU C 108 -26.02 -1.41 -14.52
C LEU C 108 -25.84 -2.52 -13.52
N GLY C 109 -25.53 -4.73 -11.49
CA GLY C 109 -24.55 -4.44 -10.44
C GLY C 109 -24.85 -3.09 -9.78
N GLN C 110 -24.01 -2.05 -9.86
CA GLN C 110 -24.22 -0.83 -9.08
C GLN C 110 -25.30 0.23 -9.40
N PRO C 111 -26.32 0.30 -8.54
CA PRO C 111 -27.21 1.44 -8.35
C PRO C 111 -27.26 2.80 -9.08
N LYS C 112 -28.40 3.03 -9.73
CA LYS C 112 -28.64 4.33 -10.34
C LYS C 112 -28.69 5.39 -9.24
N SER C 113 -27.70 6.25 -9.50
CA SER C 113 -27.35 7.40 -8.63
C SER C 113 -27.82 8.87 -8.94
N SER C 114 -27.37 9.75 -8.06
CA SER C 114 -27.39 11.21 -8.20
C SER C 114 -25.88 11.57 -8.24
N PRO C 115 -25.25 12.53 -8.92
CA PRO C 115 -23.95 13.02 -8.48
C PRO C 115 -24.04 14.07 -7.39
N SER C 116 -23.30 13.86 -6.32
CA SER C 116 -23.18 14.79 -5.18
C SER C 116 -22.36 16.06 -5.47
N VAL C 117 -23.11 16.90 -6.14
CA VAL C 117 -22.67 18.19 -6.64
C VAL C 117 -22.40 19.33 -5.64
N THR C 118 -21.68 20.31 -6.16
CA THR C 118 -21.60 21.66 -5.60
C THR C 118 -20.74 22.53 -6.50
N LEU C 119 -20.65 23.84 -6.22
CA LEU C 119 -19.70 24.69 -6.92
C LEU C 119 -19.17 25.82 -6.05
N PHE C 120 -17.88 26.08 -6.16
CA PHE C 120 -17.21 27.09 -5.33
C PHE C 120 -17.09 28.49 -5.97
N PRO C 121 -16.66 29.56 -5.21
CA PRO C 121 -16.25 30.86 -5.77
C PRO C 121 -14.88 30.80 -6.45
N PRO C 122 -14.52 31.64 -7.43
CA PRO C 122 -13.16 32.13 -7.58
C PRO C 122 -12.51 32.58 -6.25
N SER C 123 -11.37 32.02 -5.84
CA SER C 123 -10.75 32.36 -4.56
C SER C 123 -10.04 33.70 -4.37
N SER C 124 -9.88 34.00 -3.09
CA SER C 124 -9.27 35.25 -2.62
C SER C 124 -7.98 35.69 -3.30
N GLU C 125 -7.16 34.67 -3.53
CA GLU C 125 -5.85 34.88 -4.09
C GLU C 125 -5.87 35.13 -5.61
N GLU C 126 -6.12 34.22 -6.54
CA GLU C 126 -6.12 34.49 -8.00
C GLU C 126 -6.48 35.87 -8.65
N LEU C 127 -7.33 36.72 -8.01
CA LEU C 127 -7.61 38.13 -8.43
C LEU C 127 -6.33 38.97 -8.51
N GLU C 128 -5.32 38.50 -7.79
CA GLU C 128 -3.97 39.03 -7.84
C GLU C 128 -3.42 39.02 -9.25
N THR C 129 -3.64 37.91 -9.98
CA THR C 129 -3.32 37.80 -11.40
C THR C 129 -4.51 38.12 -12.28
N ASN C 130 -5.52 38.77 -11.68
CA ASN C 130 -6.81 39.13 -12.27
C ASN C 130 -7.61 38.00 -12.85
N LYS C 131 -7.32 36.80 -12.36
CA LYS C 131 -8.10 35.66 -12.79
C LYS C 131 -9.17 35.25 -11.75
N ALA C 132 -10.07 34.41 -12.25
CA ALA C 132 -11.23 33.87 -11.55
C ALA C 132 -11.57 32.46 -12.05
N THR C 133 -10.72 31.51 -11.65
CA THR C 133 -10.84 30.08 -11.95
C THR C 133 -12.10 29.47 -11.33
N LEU C 134 -12.88 28.63 -12.00
CA LEU C 134 -14.01 28.04 -11.27
C LEU C 134 -14.22 26.52 -11.24
N VAL C 135 -14.55 25.98 -10.04
CA VAL C 135 -14.81 24.54 -9.88
C VAL C 135 -16.25 24.24 -9.45
N CYS C 136 -17.08 23.81 -10.41
CA CYS C 136 -18.41 23.21 -10.13
C CYS C 136 -18.10 21.72 -10.13
N THR C 137 -18.14 21.24 -8.91
CA THR C 137 -17.88 19.84 -8.63
C THR C 137 -19.13 18.98 -8.90
N ILE C 138 -19.03 18.02 -9.86
CA ILE C 138 -20.13 17.08 -10.15
C ILE C 138 -19.66 15.67 -9.80
N THR C 139 -19.65 15.24 -8.53
CA THR C 139 -19.07 13.93 -8.22
C THR C 139 -19.96 12.80 -7.69
N ASP C 140 -19.54 11.53 -7.92
CA ASP C 140 -20.20 10.30 -7.48
C ASP C 140 -21.47 9.89 -8.25
N PHE C 141 -21.31 9.18 -9.38
CA PHE C 141 -22.43 8.81 -10.24
C PHE C 141 -22.37 7.64 -11.20
N TYR C 142 -23.55 7.00 -11.27
CA TYR C 142 -23.83 5.83 -12.10
C TYR C 142 -25.29 6.01 -12.55
N PRO C 143 -25.60 5.81 -13.83
CA PRO C 143 -24.72 6.06 -14.96
C PRO C 143 -23.68 7.20 -14.87
N GLY C 144 -22.40 6.98 -15.22
CA GLY C 144 -21.44 8.09 -15.35
C GLY C 144 -21.59 8.71 -16.75
N VAL C 145 -22.87 9.10 -16.99
CA VAL C 145 -23.34 9.59 -18.28
C VAL C 145 -24.24 10.82 -18.08
N VAL C 146 -23.58 11.97 -17.91
CA VAL C 146 -24.17 13.29 -17.59
C VAL C 146 -24.05 14.41 -18.67
N THR C 147 -24.60 15.62 -18.45
CA THR C 147 -24.31 16.83 -19.26
C THR C 147 -23.84 17.87 -18.25
N VAL C 148 -23.08 18.87 -18.76
CA VAL C 148 -22.53 19.93 -17.89
C VAL C 148 -22.93 21.42 -18.21
N ASP C 149 -24.22 21.83 -18.09
CA ASP C 149 -24.65 23.20 -18.46
C ASP C 149 -24.23 24.35 -17.52
N TRP C 150 -24.26 25.60 -18.03
CA TRP C 150 -23.96 26.85 -17.30
C TRP C 150 -24.71 28.04 -17.91
N LYS C 151 -25.39 28.91 -17.15
CA LYS C 151 -26.05 30.13 -17.67
C LYS C 151 -25.75 31.46 -16.93
N VAL C 152 -24.49 31.93 -16.94
CA VAL C 152 -24.07 33.07 -16.13
C VAL C 152 -24.72 34.39 -16.54
N ASP C 153 -25.61 34.75 -15.62
CA ASP C 153 -26.48 35.90 -15.79
C ASP C 153 -27.36 35.70 -17.06
N GLY C 154 -28.06 34.56 -16.93
CA GLY C 154 -29.04 34.08 -17.92
C GLY C 154 -28.38 33.52 -19.18
N THR C 155 -27.11 33.81 -19.34
CA THR C 155 -26.41 33.46 -20.57
C THR C 155 -25.72 32.13 -20.37
N PRO C 156 -26.06 31.03 -21.07
CA PRO C 156 -25.13 29.98 -21.49
C PRO C 156 -23.64 30.28 -21.65
N VAL C 157 -22.77 29.80 -20.76
CA VAL C 157 -21.33 30.00 -20.96
C VAL C 157 -20.76 29.11 -22.10
N THR C 158 -20.56 29.78 -23.22
CA THR C 158 -19.98 29.20 -24.42
C THR C 158 -18.49 29.47 -24.49
N GLU C 159 -18.20 30.71 -24.10
CA GLU C 159 -16.84 31.21 -24.00
C GLU C 159 -15.99 30.66 -22.82
N GLY C 160 -15.15 29.67 -23.14
CA GLY C 160 -14.16 29.17 -22.16
C GLY C 160 -14.24 27.75 -21.52
N MET C 161 -15.10 26.85 -21.99
CA MET C 161 -15.20 25.49 -21.46
C MET C 161 -14.00 24.50 -21.36
N GLU C 162 -13.30 24.37 -20.23
CA GLU C 162 -12.26 23.36 -19.99
C GLU C 162 -12.97 22.30 -19.14
N THR C 163 -13.20 21.04 -19.53
CA THR C 163 -14.00 20.13 -18.69
C THR C 163 -13.46 18.73 -18.44
N THR C 164 -14.07 17.85 -17.66
CA THR C 164 -13.57 16.46 -17.64
C THR C 164 -14.43 15.37 -18.29
N GLN C 165 -13.81 14.22 -18.51
CA GLN C 165 -14.46 13.03 -19.03
C GLN C 165 -14.56 12.05 -17.80
N PRO C 166 -15.78 11.61 -17.44
CA PRO C 166 -16.13 10.74 -16.29
C PRO C 166 -15.20 9.81 -15.52
N SER C 167 -14.66 10.21 -14.36
CA SER C 167 -13.71 9.35 -13.62
C SER C 167 -14.14 8.07 -12.83
N LYS C 168 -13.66 6.86 -13.17
CA LYS C 168 -13.80 5.57 -12.43
C LYS C 168 -13.51 5.46 -10.90
N GLN C 169 -14.30 5.94 -9.95
CA GLN C 169 -13.87 5.97 -8.53
C GLN C 169 -14.07 4.81 -7.53
N SER C 170 -12.98 4.17 -7.00
CA SER C 170 -12.94 3.14 -5.92
C SER C 170 -14.06 2.09 -5.70
N ASN C 171 -15.26 2.62 -5.49
CA ASN C 171 -16.57 1.95 -5.42
C ASN C 171 -17.19 1.68 -6.82
N ASN C 172 -16.39 1.92 -7.88
CA ASN C 172 -16.79 1.77 -9.28
C ASN C 172 -17.84 2.82 -9.69
N LYS C 173 -18.02 3.88 -8.90
CA LYS C 173 -19.02 4.91 -9.23
C LYS C 173 -18.28 6.03 -9.88
N TYR C 174 -18.67 6.83 -10.86
CA TYR C 174 -17.71 7.86 -11.31
C TYR C 174 -17.71 9.29 -10.72
N MET C 175 -16.75 10.11 -11.14
CA MET C 175 -16.64 11.51 -10.71
C MET C 175 -16.64 12.48 -11.92
N ALA C 176 -16.74 13.81 -11.69
CA ALA C 176 -16.51 14.89 -12.68
C ALA C 176 -16.09 16.27 -12.11
N SER C 177 -15.32 17.06 -12.87
CA SER C 177 -15.04 18.50 -12.60
C SER C 177 -15.15 19.38 -13.87
N SER C 178 -15.67 20.60 -13.75
CA SER C 178 -15.81 21.45 -14.94
C SER C 178 -15.49 22.91 -14.70
N TYR C 179 -14.43 23.39 -15.33
CA TYR C 179 -14.02 24.76 -15.08
C TYR C 179 -14.42 25.88 -16.06
N LEU C 180 -15.09 26.81 -15.38
CA LEU C 180 -15.39 28.10 -15.98
C LEU C 180 -14.08 28.93 -15.95
N THR C 181 -13.72 29.60 -17.05
CA THR C 181 -12.50 30.43 -17.08
C THR C 181 -12.73 31.95 -17.07
N LEU C 182 -12.45 32.58 -15.92
CA LEU C 182 -12.61 34.02 -15.82
C LEU C 182 -11.44 34.86 -15.31
N SER C 183 -11.71 36.15 -15.51
CA SER C 183 -10.94 37.36 -15.18
C SER C 183 -11.79 38.27 -14.34
N ALA C 184 -11.23 39.20 -13.57
CA ALA C 184 -12.03 40.07 -12.69
C ALA C 184 -13.20 40.84 -13.32
N ARG C 185 -13.21 41.51 -14.47
CA ARG C 185 -14.46 42.12 -14.98
C ARG C 185 -15.53 41.06 -15.31
N ALA C 186 -15.00 39.90 -15.70
CA ALA C 186 -15.82 38.73 -15.96
C ALA C 186 -16.36 38.12 -14.66
N TRP C 187 -15.73 38.26 -13.50
CA TRP C 187 -16.36 37.86 -12.24
C TRP C 187 -17.28 38.99 -11.77
N GLU C 188 -16.68 40.15 -11.46
CA GLU C 188 -17.34 41.34 -10.86
C GLU C 188 -18.73 41.87 -11.30
N ARG C 189 -19.10 42.30 -12.53
CA ARG C 189 -20.47 42.74 -12.83
C ARG C 189 -21.38 41.52 -13.11
N HIS C 190 -21.49 40.61 -12.15
CA HIS C 190 -22.24 39.35 -12.34
C HIS C 190 -22.70 38.63 -11.06
N ALA C 191 -23.69 37.75 -11.07
CA ALA C 191 -24.01 37.04 -9.82
C ALA C 191 -24.74 35.69 -9.92
N SER C 192 -25.58 35.51 -10.95
CA SER C 192 -26.19 34.21 -11.18
C SER C 192 -25.27 33.21 -11.91
N TYR C 193 -24.32 32.66 -11.13
CA TYR C 193 -23.26 31.70 -11.55
C TYR C 193 -23.49 30.20 -11.72
N SER C 194 -24.64 29.82 -12.31
CA SER C 194 -25.10 28.43 -12.31
C SER C 194 -24.52 27.32 -13.17
N CYS C 195 -24.33 26.15 -12.55
CA CYS C 195 -23.95 24.94 -13.27
C CYS C 195 -24.94 23.82 -13.00
N GLN C 196 -25.34 23.38 -14.21
CA GLN C 196 -26.37 22.38 -14.50
C GLN C 196 -25.99 20.96 -14.97
N VAL C 197 -26.28 20.16 -13.97
CA VAL C 197 -25.99 18.73 -13.87
C VAL C 197 -27.01 17.75 -14.54
N THR C 198 -26.80 16.89 -15.58
CA THR C 198 -27.90 15.92 -15.89
C THR C 198 -27.77 14.42 -15.65
N HIS C 199 -28.89 13.83 -15.20
CA HIS C 199 -28.99 12.38 -15.08
C HIS C 199 -30.22 11.73 -15.75
N GLU C 200 -30.01 11.08 -16.90
CA GLU C 200 -31.07 10.45 -17.71
C GLU C 200 -32.26 11.37 -18.04
N GLY C 201 -31.85 12.61 -18.34
CA GLY C 201 -32.77 13.73 -18.57
C GLY C 201 -33.21 14.41 -17.25
N HIS C 202 -32.33 14.55 -16.24
CA HIS C 202 -32.69 15.17 -14.95
C HIS C 202 -31.63 16.11 -14.38
N THR C 203 -31.91 17.32 -14.80
CA THR C 203 -31.24 18.56 -14.44
C THR C 203 -31.16 18.88 -12.94
N VAL C 204 -29.97 19.28 -12.54
CA VAL C 204 -29.73 19.81 -11.19
C VAL C 204 -29.08 21.20 -11.42
N GLU C 205 -28.95 22.10 -10.44
CA GLU C 205 -28.33 23.42 -10.61
C GLU C 205 -27.76 24.12 -9.34
N LYS C 206 -26.44 24.23 -9.19
CA LYS C 206 -25.87 25.04 -8.08
C LYS C 206 -25.28 26.43 -8.50
N SER C 207 -25.17 27.47 -7.64
CA SER C 207 -24.73 28.89 -7.93
C SER C 207 -24.17 29.71 -6.73
N LEU C 208 -23.59 30.95 -6.80
CA LEU C 208 -23.26 31.80 -5.62
C LEU C 208 -23.81 33.25 -5.58
N SER C 209 -23.22 34.32 -6.22
CA SER C 209 -23.62 35.78 -6.36
C SER C 209 -22.76 37.00 -5.88
N ARG C 210 -23.11 38.25 -6.24
CA ARG C 210 -22.36 39.46 -5.78
C ARG C 210 -23.19 40.63 -5.17
N ALA C 211 -24.15 41.15 -5.95
CA ALA C 211 -25.05 42.24 -5.60
C ALA C 211 -24.56 43.62 -5.10
N GLN D 1 2.65 -12.70 -26.93
CA GLN D 1 1.83 -13.31 -27.97
C GLN D 1 1.64 -12.30 -29.15
N VAL D 2 0.53 -12.23 -29.95
CA VAL D 2 0.21 -11.02 -30.75
C VAL D 2 0.11 -9.76 -29.86
N GLN D 3 1.04 -8.86 -30.08
CA GLN D 3 1.18 -7.67 -29.27
C GLN D 3 1.61 -6.49 -30.13
N PHE D 4 1.28 -5.33 -29.57
CA PHE D 4 1.46 -4.04 -30.21
C PHE D 4 2.21 -3.00 -29.37
N GLN D 5 3.53 -3.12 -29.40
CA GLN D 5 4.44 -2.30 -28.64
C GLN D 5 4.64 -0.89 -29.24
N GLN D 6 3.63 -0.11 -28.82
CA GLN D 6 3.51 1.32 -29.11
C GLN D 6 4.24 2.03 -27.97
N SER D 7 4.88 3.17 -28.23
CA SER D 7 5.78 3.69 -27.24
C SER D 7 5.26 4.16 -25.91
N GLY D 8 4.92 5.43 -25.64
CA GLY D 8 4.47 5.87 -24.31
C GLY D 8 4.06 7.33 -24.28
N ALA D 9 4.85 8.15 -23.60
CA ALA D 9 4.63 9.60 -23.60
C ALA D 9 5.47 10.23 -24.70
N GLU D 10 5.17 11.49 -25.06
CA GLU D 10 5.92 12.26 -26.05
C GLU D 10 5.89 13.79 -25.88
N LEU D 11 6.97 14.54 -25.67
CA LEU D 11 6.81 15.98 -25.53
C LEU D 11 7.17 16.76 -26.78
N VAL D 12 6.22 17.16 -27.60
CA VAL D 12 6.55 17.87 -28.83
C VAL D 12 6.68 19.41 -28.75
N LYS D 13 7.65 20.08 -29.37
CA LYS D 13 7.64 21.56 -29.35
C LYS D 13 6.94 22.22 -30.53
N PRO D 14 6.01 23.21 -30.42
CA PRO D 14 5.44 23.93 -31.57
C PRO D 14 6.47 24.26 -32.65
N GLY D 15 6.19 23.79 -33.87
CA GLY D 15 7.14 23.84 -35.01
C GLY D 15 8.05 22.57 -35.13
N ALA D 16 8.64 22.06 -34.03
CA ALA D 16 9.43 20.82 -33.99
C ALA D 16 8.61 19.53 -34.19
N SER D 17 8.76 19.07 -35.40
CA SER D 17 7.98 17.95 -35.93
C SER D 17 8.48 16.51 -35.71
N VAL D 18 7.89 15.90 -34.70
CA VAL D 18 8.27 14.55 -34.26
C VAL D 18 7.92 13.27 -35.03
N LYS D 19 8.73 12.23 -34.82
CA LYS D 19 8.60 10.96 -35.52
C LYS D 19 8.09 9.77 -34.68
N LEU D 20 6.77 9.57 -34.64
CA LEU D 20 6.21 8.47 -33.87
C LEU D 20 6.55 7.10 -34.44
N SER D 21 6.52 6.13 -33.54
CA SER D 21 6.88 4.76 -33.87
C SER D 21 6.35 3.62 -33.01
N CYS D 22 5.77 2.66 -33.70
CA CYS D 22 5.36 1.44 -33.00
C CYS D 22 5.89 0.16 -33.61
N LYS D 23 6.51 -0.66 -32.75
CA LYS D 23 7.00 -1.95 -33.20
C LYS D 23 5.94 -3.01 -32.86
N ALA D 24 5.68 -3.82 -33.86
CA ALA D 24 4.76 -4.93 -33.67
C ALA D 24 5.46 -6.27 -33.41
N SER D 25 4.70 -7.19 -32.79
CA SER D 25 5.12 -8.60 -32.68
C SER D 25 4.17 -9.74 -32.30
N GLY D 26 4.22 -10.73 -33.20
CA GLY D 26 3.43 -11.96 -33.11
C GLY D 26 2.76 -12.45 -34.40
N TYR D 27 2.93 -11.66 -35.47
CA TYR D 27 2.25 -11.86 -36.75
C TYR D 27 3.10 -11.56 -37.97
N THR D 28 2.42 -11.62 -39.14
CA THR D 28 2.91 -11.28 -40.48
C THR D 28 2.78 -9.80 -40.79
N PHE D 29 3.81 -9.03 -40.35
CA PHE D 29 3.88 -7.57 -40.43
C PHE D 29 3.32 -6.91 -41.72
N THR D 30 3.89 -7.36 -42.83
CA THR D 30 3.53 -6.98 -44.19
C THR D 30 2.30 -7.65 -44.82
N SER D 31 1.64 -8.58 -44.17
CA SER D 31 0.36 -9.11 -44.66
C SER D 31 -0.84 -8.44 -43.97
N TYR D 32 -0.61 -7.67 -42.90
CA TYR D 32 -1.68 -6.94 -42.22
C TYR D 32 -1.58 -5.41 -42.30
N LEU D 33 -2.69 -4.72 -42.55
CA LEU D 33 -2.63 -3.25 -42.66
C LEU D 33 -2.41 -2.47 -41.36
N MET D 34 -1.79 -1.30 -41.49
CA MET D 34 -1.55 -0.41 -40.36
C MET D 34 -2.21 0.95 -40.50
N HIS D 35 -2.97 1.27 -39.47
CA HIS D 35 -3.75 2.48 -39.41
C HIS D 35 -3.23 3.36 -38.30
N TRP D 36 -3.57 4.63 -38.41
CA TRP D 36 -3.27 5.61 -37.38
C TRP D 36 -4.50 6.40 -37.11
N ILE D 37 -4.69 6.47 -35.81
CA ILE D 37 -5.78 7.18 -35.24
C ILE D 37 -5.44 8.36 -34.29
N LYS D 38 -5.93 9.55 -34.62
CA LYS D 38 -5.83 10.69 -33.73
C LYS D 38 -6.98 10.63 -32.71
N GLN D 39 -6.55 10.62 -31.45
CA GLN D 39 -7.42 10.74 -30.30
C GLN D 39 -7.28 12.13 -29.70
N ARG D 40 -8.25 12.94 -30.06
CA ARG D 40 -8.41 14.27 -29.49
C ARG D 40 -8.67 14.14 -28.00
N PRO D 41 -8.21 15.01 -27.04
CA PRO D 41 -8.08 14.67 -25.61
C PRO D 41 -9.39 14.33 -24.85
N GLY D 42 -9.98 13.16 -25.17
CA GLY D 42 -11.22 12.67 -24.56
C GLY D 42 -12.49 12.43 -25.40
N ARG D 43 -12.58 12.65 -26.73
CA ARG D 43 -13.90 12.42 -27.36
C ARG D 43 -14.13 11.82 -28.77
N GLY D 44 -13.95 12.58 -29.84
CA GLY D 44 -14.22 12.05 -31.17
C GLY D 44 -13.00 11.42 -31.81
N LEU D 45 -12.98 10.08 -32.01
CA LEU D 45 -11.88 9.40 -32.72
C LEU D 45 -11.70 9.80 -34.16
N GLU D 46 -10.46 10.06 -34.56
CA GLU D 46 -10.18 10.51 -35.93
C GLU D 46 -9.30 9.63 -36.83
N TRP D 47 -9.75 8.97 -37.92
CA TRP D 47 -8.83 8.22 -38.78
C TRP D 47 -7.86 9.16 -39.47
N ILE D 48 -6.55 8.99 -39.30
CA ILE D 48 -5.51 9.82 -39.92
C ILE D 48 -4.92 9.34 -41.24
N GLY D 49 -4.40 8.11 -41.32
CA GLY D 49 -3.80 7.59 -42.54
C GLY D 49 -3.77 6.08 -42.58
N ARG D 50 -3.43 5.52 -43.72
CA ARG D 50 -3.17 4.08 -43.82
C ARG D 50 -1.83 3.69 -44.50
N ILE D 51 -1.10 2.78 -43.82
CA ILE D 51 0.13 2.16 -44.31
C ILE D 51 0.11 0.66 -44.44
N ASP D 52 0.41 0.31 -45.67
CA ASP D 52 0.50 -1.08 -46.11
C ASP D 52 1.95 -1.56 -46.03
N PRO D 53 2.43 -2.40 -45.11
CA PRO D 53 3.83 -2.81 -45.08
C PRO D 53 4.36 -3.62 -46.29
N ASN D 54 3.52 -4.16 -47.22
CA ASN D 54 4.00 -4.86 -48.43
C ASN D 54 4.88 -3.95 -49.32
N ASN D 55 4.49 -2.67 -49.34
CA ASN D 55 5.12 -1.59 -50.15
C ASN D 55 4.64 -0.16 -49.79
N VAL D 56 4.52 0.16 -48.51
CA VAL D 56 3.90 1.37 -47.92
C VAL D 56 2.43 1.74 -48.29
N VAL D 57 1.88 1.64 -49.52
CA VAL D 57 0.46 1.97 -49.91
C VAL D 57 -0.41 2.70 -48.88
N THR D 58 -0.52 3.96 -49.28
CA THR D 58 -0.95 5.05 -48.42
C THR D 58 -2.21 5.90 -48.62
N LYS D 59 -3.40 5.33 -48.40
CA LYS D 59 -4.64 6.10 -48.37
C LYS D 59 -4.71 6.98 -47.10
N PHE D 60 -4.52 8.27 -47.35
CA PHE D 60 -4.53 9.26 -46.28
C PHE D 60 -5.85 9.84 -45.73
N ASN D 61 -5.85 10.59 -44.64
CA ASN D 61 -7.06 11.35 -44.34
C ASN D 61 -6.98 12.60 -45.24
N GLU D 62 -8.12 13.27 -45.48
CA GLU D 62 -8.06 14.55 -46.16
C GLU D 62 -7.43 15.52 -45.16
N LYS D 63 -8.00 15.75 -43.99
CA LYS D 63 -7.44 16.72 -43.05
C LYS D 63 -6.05 16.34 -42.48
N PHE D 64 -5.49 15.15 -42.80
CA PHE D 64 -4.10 14.87 -42.42
C PHE D 64 -3.04 14.62 -43.52
N LYS D 65 -3.42 14.61 -44.81
CA LYS D 65 -2.48 14.47 -45.92
C LYS D 65 -1.35 15.54 -46.07
N SER D 66 -1.48 16.63 -45.30
CA SER D 66 -0.43 17.67 -45.19
C SER D 66 -0.04 17.95 -43.75
N LYS D 67 0.05 16.80 -43.07
CA LYS D 67 0.50 16.76 -41.68
C LYS D 67 1.45 15.59 -41.40
N ALA D 68 1.32 14.44 -42.07
CA ALA D 68 2.16 13.31 -41.71
C ALA D 68 2.97 12.56 -42.74
N THR D 69 4.11 11.97 -42.37
CA THR D 69 4.68 10.98 -43.30
C THR D 69 4.54 9.56 -42.73
N LEU D 70 3.66 8.68 -43.24
CA LEU D 70 3.59 7.31 -42.68
C LEU D 70 4.64 6.39 -43.29
N THR D 71 5.78 6.36 -42.58
CA THR D 71 7.06 5.76 -42.98
C THR D 71 7.41 4.34 -42.46
N VAL D 72 7.85 3.32 -43.21
CA VAL D 72 7.92 1.96 -42.62
C VAL D 72 9.17 1.09 -42.61
N ASP D 73 9.45 0.47 -41.45
CA ASP D 73 10.50 -0.53 -41.47
C ASP D 73 10.33 -1.93 -40.83
N LYS D 74 9.75 -2.84 -41.65
CA LYS D 74 9.68 -4.24 -41.27
C LYS D 74 10.99 -5.05 -41.02
N PRO D 75 12.20 -4.72 -41.48
CA PRO D 75 13.46 -5.07 -40.79
C PRO D 75 13.61 -4.89 -39.27
N SER D 76 12.83 -4.01 -38.64
CA SER D 76 12.68 -4.02 -37.17
C SER D 76 11.22 -4.12 -36.80
N SER D 77 10.43 -4.41 -37.84
CA SER D 77 8.94 -4.40 -37.84
C SER D 77 8.24 -3.27 -37.06
N THR D 78 8.80 -2.11 -37.40
CA THR D 78 8.43 -0.83 -36.81
C THR D 78 7.78 0.12 -37.82
N ALA D 79 6.64 0.66 -37.42
CA ALA D 79 5.80 1.61 -38.19
C ALA D 79 6.12 3.03 -37.76
N TYR D 80 6.26 3.96 -38.67
CA TYR D 80 6.49 5.37 -38.36
C TYR D 80 5.40 6.28 -38.90
N MET D 81 5.03 7.22 -38.05
CA MET D 81 4.05 8.26 -38.36
C MET D 81 4.74 9.53 -37.93
N GLU D 82 5.04 10.45 -38.84
CA GLU D 82 5.69 11.70 -38.43
C GLU D 82 4.86 12.97 -38.61
N LEU D 83 4.63 13.67 -37.51
CA LEU D 83 3.85 14.89 -37.52
C LEU D 83 4.64 16.13 -37.94
N SER D 84 4.06 16.83 -38.90
CA SER D 84 4.66 17.98 -39.59
C SER D 84 4.14 19.34 -39.21
N SER D 85 5.05 20.28 -38.99
CA SER D 85 4.74 21.71 -38.83
C SER D 85 3.68 22.22 -37.81
N LEU D 86 3.33 21.32 -36.89
CA LEU D 86 2.31 21.43 -35.84
C LEU D 86 2.14 22.60 -34.84
N THR D 87 0.87 22.89 -34.55
CA THR D 87 0.52 23.97 -33.60
C THR D 87 0.19 23.46 -32.19
N SER D 88 -0.56 24.18 -31.32
CA SER D 88 -1.00 23.65 -30.01
C SER D 88 -2.35 22.94 -30.03
N GLU D 89 -2.96 23.08 -31.23
CA GLU D 89 -4.25 22.48 -31.63
C GLU D 89 -4.08 21.08 -32.27
N ASP D 90 -3.11 20.31 -31.76
CA ASP D 90 -2.79 18.97 -32.26
C ASP D 90 -2.16 18.04 -31.18
N SER D 91 -2.41 18.41 -29.92
CA SER D 91 -2.00 17.60 -28.78
C SER D 91 -3.05 16.55 -28.53
N ALA D 92 -2.52 15.34 -28.59
CA ALA D 92 -3.36 14.15 -28.63
C ALA D 92 -2.76 12.81 -28.18
N VAL D 93 -3.50 11.78 -28.53
CA VAL D 93 -3.02 10.43 -28.41
C VAL D 93 -2.85 9.91 -29.85
N TYR D 94 -1.73 9.30 -30.28
CA TYR D 94 -1.67 8.82 -31.68
C TYR D 94 -1.57 7.31 -31.82
N TYR D 95 -2.69 6.72 -32.19
CA TYR D 95 -2.92 5.28 -32.27
C TYR D 95 -2.56 4.35 -33.44
N CYS D 96 -1.51 3.53 -33.35
CA CYS D 96 -1.28 2.57 -34.42
C CYS D 96 -2.08 1.29 -34.18
N ALA D 97 -2.76 0.90 -35.25
CA ALA D 97 -3.71 -0.20 -35.27
C ALA D 97 -3.66 -1.08 -36.52
N ARG D 98 -3.72 -2.39 -36.30
CA ARG D 98 -3.70 -3.43 -37.33
C ARG D 98 -5.03 -3.86 -37.99
N TYR D 99 -5.23 -3.50 -39.24
CA TYR D 99 -6.37 -3.92 -40.08
C TYR D 99 -6.07 -5.14 -40.96
N ALA D 100 -7.07 -5.92 -41.39
CA ALA D 100 -6.82 -7.15 -42.17
C ALA D 100 -7.39 -7.30 -43.59
N TYR D 101 -8.56 -6.71 -43.72
CA TYR D 101 -9.31 -6.33 -44.93
C TYR D 101 -10.45 -5.57 -44.23
N CYS D 102 -10.76 -4.35 -44.70
CA CYS D 102 -11.55 -3.30 -44.00
C CYS D 102 -12.11 -3.35 -42.59
N ARG D 103 -11.26 -2.65 -41.85
CA ARG D 103 -11.31 -2.44 -40.40
C ARG D 103 -10.78 -1.02 -40.05
N PRO D 104 -10.87 -0.31 -38.92
CA PRO D 104 -9.63 0.21 -38.35
C PRO D 104 -8.67 -0.83 -37.79
N MET D 105 -9.21 -1.92 -37.20
CA MET D 105 -8.38 -2.94 -36.56
C MET D 105 -9.01 -4.17 -35.90
N ASP D 106 -8.10 -5.05 -35.48
CA ASP D 106 -8.38 -6.14 -34.55
C ASP D 106 -7.34 -6.16 -33.40
N TYR D 107 -6.18 -5.47 -33.50
CA TYR D 107 -5.25 -5.21 -32.39
C TYR D 107 -4.50 -3.87 -32.50
N TRP D 108 -4.57 -2.96 -31.54
CA TRP D 108 -3.77 -1.73 -31.56
C TRP D 108 -2.94 -1.66 -30.28
N GLY D 109 -2.07 -0.68 -30.24
CA GLY D 109 -1.28 -0.46 -29.05
C GLY D 109 -1.81 0.76 -28.32
N GLN D 110 -1.41 0.79 -27.07
CA GLN D 110 -1.75 1.79 -26.05
C GLN D 110 -1.94 3.28 -26.42
N GLY D 111 -1.20 3.78 -27.42
CA GLY D 111 -1.26 5.18 -27.77
C GLY D 111 -0.20 6.06 -27.10
N THR D 112 0.59 6.67 -27.99
CA THR D 112 1.58 7.64 -27.55
C THR D 112 0.88 8.92 -27.22
N THR D 113 0.92 9.29 -25.93
CA THR D 113 0.41 10.58 -25.49
C THR D 113 1.37 11.54 -26.14
N VAL D 114 0.95 12.25 -27.18
CA VAL D 114 1.82 13.27 -27.73
C VAL D 114 1.18 14.59 -27.32
N THR D 115 1.92 15.21 -26.43
CA THR D 115 1.45 16.46 -25.86
C THR D 115 2.27 17.68 -26.26
N VAL D 116 1.54 18.68 -26.75
CA VAL D 116 2.05 19.98 -27.20
C VAL D 116 2.03 21.13 -26.15
N SER D 117 3.23 21.50 -25.74
CA SER D 117 3.34 22.59 -24.80
C SER D 117 4.32 23.65 -25.28
N SER D 118 6.29 25.88 -26.27
CA SER D 118 7.51 25.43 -25.62
C SER D 118 7.58 25.71 -24.10
N ALA D 119 6.60 25.29 -23.28
CA ALA D 119 6.63 25.62 -21.84
C ALA D 119 7.54 24.83 -20.89
N ALA D 120 8.42 25.51 -20.19
CA ALA D 120 9.27 24.85 -19.19
C ALA D 120 8.66 24.47 -17.80
N THR D 121 9.10 23.35 -17.25
CA THR D 121 8.79 22.82 -15.90
C THR D 121 8.47 23.73 -14.71
N THR D 122 7.39 24.50 -14.67
CA THR D 122 7.02 25.35 -13.52
C THR D 122 6.37 24.64 -12.34
N PRO D 123 6.43 25.07 -11.06
CA PRO D 123 5.62 24.46 -10.01
C PRO D 123 4.11 24.72 -10.24
N PRO D 124 3.19 24.24 -9.42
CA PRO D 124 1.84 24.83 -9.34
C PRO D 124 1.48 26.19 -8.65
N SER D 125 0.18 26.40 -8.28
CA SER D 125 -0.37 27.56 -7.53
C SER D 125 -1.76 27.28 -6.90
N VAL D 126 -1.71 26.86 -5.64
CA VAL D 126 -2.90 26.42 -4.87
C VAL D 126 -4.00 27.40 -4.38
N TYR D 127 -5.19 27.37 -4.97
CA TYR D 127 -6.24 28.34 -4.58
C TYR D 127 -7.44 27.84 -3.75
N PRO D 128 -7.42 28.01 -2.40
CA PRO D 128 -8.51 27.66 -1.49
C PRO D 128 -9.92 28.16 -1.82
N LEU D 129 -10.71 27.23 -2.31
CA LEU D 129 -12.08 27.56 -2.58
C LEU D 129 -13.02 27.21 -1.41
N ALA D 130 -13.87 28.17 -1.05
CA ALA D 130 -14.84 27.92 0.03
C ALA D 130 -16.29 27.51 -0.35
N PRO D 131 -16.82 26.49 0.29
CA PRO D 131 -18.25 26.16 0.26
C PRO D 131 -19.25 27.20 0.77
N GLY D 132 -19.32 28.33 0.09
CA GLY D 132 -20.23 29.43 0.46
C GLY D 132 -21.25 29.79 -0.63
N SER D 133 -21.57 28.79 -1.44
CA SER D 133 -22.48 28.93 -2.58
C SER D 133 -23.91 28.37 -2.41
N ALA D 134 -24.58 27.83 -3.45
CA ALA D 134 -25.96 27.37 -3.34
C ALA D 134 -26.31 26.08 -2.60
N ALA D 135 -26.62 26.25 -1.32
CA ALA D 135 -27.08 25.17 -0.45
C ALA D 135 -27.48 25.67 0.92
N GLN D 136 -28.51 25.07 1.52
CA GLN D 136 -28.92 25.37 2.90
C GLN D 136 -27.81 24.98 3.90
N THR D 137 -27.48 25.82 4.89
CA THR D 137 -26.49 25.55 5.95
C THR D 137 -26.70 24.16 6.58
N ASN D 138 -26.21 23.11 5.94
CA ASN D 138 -26.51 21.74 6.37
C ASN D 138 -25.33 20.79 6.54
N SER D 139 -25.57 19.87 7.48
CA SER D 139 -24.73 18.75 7.92
C SER D 139 -23.57 18.16 7.10
N MET D 140 -23.73 18.21 5.78
CA MET D 140 -22.72 17.75 4.83
C MET D 140 -22.10 18.84 3.91
N VAL D 141 -20.85 19.24 4.14
CA VAL D 141 -20.18 20.27 3.32
C VAL D 141 -18.75 19.95 2.78
N THR D 142 -18.52 20.14 1.47
CA THR D 142 -17.20 19.83 0.87
C THR D 142 -16.20 20.99 0.65
N LEU D 143 -14.96 20.84 1.06
CA LEU D 143 -13.93 21.84 0.78
C LEU D 143 -13.07 21.66 -0.50
N GLY D 144 -12.42 22.72 -1.01
CA GLY D 144 -11.76 22.65 -2.30
C GLY D 144 -10.37 23.25 -2.48
N CYS D 145 -9.53 22.25 -2.62
CA CYS D 145 -8.09 22.37 -2.79
C CYS D 145 -7.75 22.22 -4.25
N LEU D 146 -7.32 23.27 -4.92
CA LEU D 146 -7.00 23.10 -6.34
C LEU D 146 -5.59 23.55 -6.53
N VAL D 147 -4.90 22.90 -7.49
CA VAL D 147 -3.61 23.45 -7.89
C VAL D 147 -3.35 23.82 -9.32
N LYS D 148 -3.29 25.16 -9.39
CA LYS D 148 -3.09 25.92 -10.63
C LYS D 148 -1.69 26.02 -11.23
N GLY D 149 -1.61 26.31 -12.54
CA GLY D 149 -0.37 26.55 -13.29
C GLY D 149 0.84 25.59 -13.30
N TYR D 150 0.77 24.26 -13.51
CA TYR D 150 2.03 23.50 -13.58
C TYR D 150 2.40 22.67 -14.82
N PHE D 151 3.70 22.33 -14.89
CA PHE D 151 4.23 21.44 -15.89
C PHE D 151 5.43 20.67 -15.36
N PRO D 152 5.91 19.52 -15.86
CA PRO D 152 5.17 18.44 -16.52
C PRO D 152 4.26 17.53 -15.71
N GLU D 153 3.36 16.88 -16.45
CA GLU D 153 2.16 16.14 -15.99
C GLU D 153 1.79 15.63 -14.61
N PRO D 154 2.58 14.96 -13.75
CA PRO D 154 2.06 14.50 -12.46
C PRO D 154 1.92 15.39 -11.24
N VAL D 155 0.78 15.38 -10.59
CA VAL D 155 0.73 15.84 -9.22
C VAL D 155 0.12 14.67 -8.43
N THR D 156 0.86 14.14 -7.44
CA THR D 156 0.48 12.99 -6.58
C THR D 156 -0.04 13.35 -5.17
N VAL D 157 -1.23 13.90 -4.97
CA VAL D 157 -1.47 14.48 -3.66
C VAL D 157 -2.55 14.13 -2.61
N THR D 158 -2.04 14.37 -1.42
CA THR D 158 -2.76 14.26 -0.15
C THR D 158 -3.63 15.46 0.34
N TRP D 159 -4.71 15.15 1.05
CA TRP D 159 -5.37 16.21 1.80
C TRP D 159 -4.83 16.25 3.25
N ASN D 160 -5.47 17.05 4.14
CA ASN D 160 -5.10 17.34 5.55
C ASN D 160 -3.90 16.64 6.18
N SER D 161 -2.82 17.01 5.51
CA SER D 161 -1.52 16.42 5.71
C SER D 161 -1.45 15.01 6.29
N GLY D 162 -1.85 14.11 5.37
CA GLY D 162 -1.69 12.66 5.59
C GLY D 162 -2.78 11.94 6.34
N ALA D 163 -3.68 12.69 6.98
CA ALA D 163 -4.77 12.12 7.77
C ALA D 163 -5.97 11.35 7.20
N LEU D 164 -6.87 11.96 6.43
CA LEU D 164 -8.17 11.34 6.15
C LEU D 164 -8.85 10.88 4.81
N SER D 165 -8.86 9.55 4.58
CA SER D 165 -9.53 8.88 3.43
C SER D 165 -11.01 9.22 3.10
N SER D 166 -11.58 9.64 4.24
CA SER D 166 -12.94 10.12 4.46
C SER D 166 -13.52 11.14 3.47
N GLY D 167 -13.81 10.70 2.22
CA GLY D 167 -14.41 11.53 1.14
C GLY D 167 -13.60 12.44 0.14
N VAL D 168 -12.26 12.30 0.08
CA VAL D 168 -11.38 13.01 -0.90
C VAL D 168 -11.57 12.75 -2.41
N HIS D 169 -12.13 13.68 -3.18
CA HIS D 169 -12.22 13.49 -4.62
C HIS D 169 -11.08 14.07 -5.46
N THR D 170 -10.03 13.31 -5.75
CA THR D 170 -9.04 13.86 -6.67
C THR D 170 -9.56 13.75 -8.11
N PHE D 171 -9.14 14.66 -8.97
CA PHE D 171 -9.59 14.58 -10.35
C PHE D 171 -8.52 14.19 -11.40
N PRO D 172 -8.77 14.07 -12.70
CA PRO D 172 -7.75 14.35 -13.73
C PRO D 172 -7.62 15.82 -14.16
N ALA D 173 -6.58 16.02 -14.95
CA ALA D 173 -6.27 17.37 -15.44
C ALA D 173 -6.70 17.76 -16.87
N VAL D 174 -6.92 19.06 -17.07
CA VAL D 174 -7.10 19.62 -18.42
C VAL D 174 -6.03 20.67 -18.67
N LEU D 175 -5.34 20.68 -19.82
CA LEU D 175 -4.36 21.76 -19.96
C LEU D 175 -4.86 23.12 -20.47
N GLN D 176 -5.15 23.99 -19.48
CA GLN D 176 -5.47 25.41 -19.70
C GLN D 176 -4.37 26.17 -20.47
N SER D 177 -4.33 25.87 -21.76
CA SER D 177 -3.31 26.36 -22.69
C SER D 177 -1.92 25.95 -22.22
N ASP D 178 -1.54 24.81 -22.80
CA ASP D 178 -0.28 24.05 -22.63
C ASP D 178 0.25 23.52 -21.28
N LEU D 179 0.03 24.23 -20.18
CA LEU D 179 0.32 23.69 -18.86
C LEU D 179 -1.01 23.44 -18.14
N TYR D 180 -1.09 22.93 -16.91
CA TYR D 180 -2.41 22.58 -16.35
C TYR D 180 -2.82 22.87 -14.91
N THR D 181 -4.14 22.74 -14.82
CA THR D 181 -4.90 22.92 -13.59
C THR D 181 -5.38 21.56 -13.05
N LEU D 182 -5.02 21.25 -11.80
CA LEU D 182 -5.62 20.07 -11.13
C LEU D 182 -6.55 20.30 -9.88
N SER D 183 -7.86 20.01 -10.02
CA SER D 183 -8.83 20.08 -8.92
C SER D 183 -9.00 18.83 -8.02
N SER D 184 -9.12 19.00 -6.72
CA SER D 184 -9.39 17.90 -5.79
C SER D 184 -10.29 18.39 -4.63
N SER D 185 -11.40 17.65 -4.44
CA SER D 185 -12.40 17.91 -3.40
C SER D 185 -12.33 17.12 -2.08
N VAL D 186 -12.90 17.66 -0.97
CA VAL D 186 -13.08 16.95 0.33
C VAL D 186 -14.45 17.13 0.99
N THR D 187 -15.14 16.05 1.27
CA THR D 187 -16.54 16.06 1.73
C THR D 187 -17.05 16.49 3.13
N VAL D 188 -16.23 17.08 4.00
CA VAL D 188 -16.54 17.04 5.44
C VAL D 188 -17.93 17.33 6.06
N PRO D 189 -18.46 16.34 6.80
CA PRO D 189 -19.33 16.55 7.96
C PRO D 189 -19.09 17.71 8.97
N ALA D 190 -20.17 18.51 9.15
CA ALA D 190 -20.25 19.61 10.13
C ALA D 190 -19.19 19.63 11.23
N SER D 191 -19.18 18.47 11.91
CA SER D 191 -18.33 17.88 12.99
C SER D 191 -16.90 18.32 13.32
N THR D 192 -16.45 19.05 12.34
CA THR D 192 -15.10 19.57 12.18
C THR D 192 -14.97 21.06 11.84
N TRP D 193 -15.14 21.40 10.55
CA TRP D 193 -14.76 22.70 10.06
C TRP D 193 -15.55 24.01 10.41
N PRO D 194 -14.92 25.18 10.25
CA PRO D 194 -13.54 25.46 10.60
C PRO D 194 -12.73 24.77 11.71
N SER D 195 -13.26 24.33 12.87
CA SER D 195 -12.35 23.84 13.93
C SER D 195 -11.60 22.54 13.59
N GLY D 196 -12.22 21.42 13.25
CA GLY D 196 -11.48 20.30 12.67
C GLY D 196 -10.97 20.74 11.29
N THR D 197 -9.86 21.46 11.44
CA THR D 197 -9.21 22.25 10.41
C THR D 197 -8.46 21.72 9.17
N VAL D 198 -8.91 22.35 8.09
CA VAL D 198 -8.49 22.16 6.70
C VAL D 198 -7.23 22.91 6.11
N THR D 199 -6.13 22.20 6.14
CA THR D 199 -4.91 22.65 5.47
C THR D 199 -4.41 21.54 4.57
N CYS D 200 -4.67 21.83 3.29
CA CYS D 200 -4.50 20.93 2.15
C CYS D 200 -3.13 20.78 1.46
N ASN D 201 -2.76 19.61 0.96
CA ASN D 201 -1.40 19.44 0.45
C ASN D 201 -1.13 19.77 -1.00
N VAL D 202 0.04 20.34 -1.30
CA VAL D 202 0.52 20.48 -2.68
C VAL D 202 1.99 20.09 -3.01
N ALA D 203 2.13 18.80 -3.35
CA ALA D 203 3.39 18.16 -3.76
C ALA D 203 3.51 17.66 -5.21
N HIS D 204 4.66 17.94 -5.87
CA HIS D 204 4.92 17.67 -7.31
C HIS D 204 6.39 17.41 -7.72
N PRO D 205 6.73 16.30 -8.43
CA PRO D 205 8.08 15.72 -8.49
C PRO D 205 9.24 16.58 -8.97
N ALA D 206 9.65 16.55 -10.24
CA ALA D 206 10.74 17.40 -10.74
C ALA D 206 10.74 18.88 -10.33
N SER D 207 9.81 19.77 -10.75
CA SER D 207 9.73 21.13 -10.17
C SER D 207 9.19 21.20 -8.71
N SER D 208 10.19 21.52 -7.87
CA SER D 208 10.11 21.53 -6.41
C SER D 208 9.26 22.43 -5.48
N THR D 209 8.03 21.98 -5.24
CA THR D 209 7.05 22.61 -4.32
C THR D 209 6.59 21.58 -3.29
N ALA D 210 6.08 21.97 -2.12
CA ALA D 210 5.52 20.99 -1.18
C ALA D 210 4.53 21.60 -0.19
N VAL D 211 4.13 22.83 -0.50
CA VAL D 211 3.35 23.65 0.45
C VAL D 211 1.94 23.20 0.92
N ASP D 212 1.59 23.37 2.19
CA ASP D 212 0.19 23.13 2.54
C ASP D 212 -0.68 24.38 2.68
N LYS D 213 -1.78 24.45 1.98
CA LYS D 213 -2.61 25.64 2.10
C LYS D 213 -3.91 25.46 2.85
N LYS D 214 -4.03 26.35 3.83
CA LYS D 214 -5.22 26.41 4.67
C LYS D 214 -6.47 26.93 3.94
N ILE D 215 -7.71 26.49 4.21
CA ILE D 215 -8.86 27.25 3.63
C ILE D 215 -9.53 28.32 4.58
N VAL D 216 -10.14 29.27 3.88
CA VAL D 216 -10.82 30.45 4.42
C VAL D 216 -12.35 30.35 4.54
N PRO D 217 -12.95 30.72 5.70
CA PRO D 217 -14.25 31.42 5.76
C PRO D 217 -14.20 32.78 5.03
N ARG D 218 -15.05 32.76 4.01
CA ARG D 218 -14.96 33.66 2.88
C ARG D 218 -15.57 35.04 2.73
C1' NP E . 16.47 -23.59 -4.48
C2' NP E . 15.61 -24.29 -5.34
C3' NP E . 14.43 -24.88 -4.88
C4' NP E . 14.08 -24.76 -3.53
O4' NP E . 12.88 -25.38 -3.23
C5' NP E . 14.92 -24.05 -2.65
N5' NP E . 14.52 -23.91 -1.37
ON1 NP E . 15.24 -23.21 -0.55
ON2 NP E . 13.56 -24.57 -0.80
C6' NP E . 16.12 -23.47 -3.14
C1 NP E . 17.77 -23.00 -5.03
C2 NP E . 18.58 -24.19 -5.55
O2 NP E . 18.91 -23.43 -6.48
N3 NP E . 19.37 -24.89 -6.35
C4 NP E . 19.85 -26.27 -6.33
C5 NP E . 18.77 -27.31 -6.76
C6 NP E . 17.31 -27.26 -6.18
C7 NP E . 17.06 -27.43 -4.67
C8 NP E . 16.97 -28.85 -4.10
C9 NP E . 18.29 -29.50 -3.63
O3 NP E . 18.29 -30.10 -2.55
O4 NP E . 19.31 -29.49 -4.33
C1' NP F . -7.30 -0.79 -49.84
C2' NP F . -8.63 -0.47 -50.07
C3' NP F . -9.44 0.01 -49.03
C4' NP F . -8.93 0.15 -47.73
O4' NP F . -9.77 0.58 -46.70
C5' NP F . -7.59 -0.19 -47.47
N5' NP F . -7.18 -0.03 -46.21
ON1 NP F . -6.02 -0.44 -45.90
ON2 NP F . -7.55 0.95 -45.48
C6' NP F . -6.80 -0.65 -48.53
C1 NP F . -6.39 -1.31 -50.97
C2 NP F . -5.14 -1.91 -50.32
O2 NP F . -4.67 -1.48 -51.36
N3 NP F . -5.28 -3.21 -50.40
C4 NP F . -5.24 -4.29 -49.47
C5 NP F . -6.57 -4.06 -48.72
C6 NP F . -7.28 -5.09 -47.88
C7 NP F . -7.56 -6.45 -48.53
C8 NP F . -6.40 -7.48 -48.59
C9 NP F . -5.24 -7.26 -47.62
O3 NP F . -4.16 -6.91 -48.10
O4 NP F . -5.47 -7.07 -46.43
#